data_4QHZ
#
_entry.id   4QHZ
#
_cell.length_a   47.774
_cell.length_b   144.763
_cell.length_c   82.452
_cell.angle_alpha   90.000
_cell.angle_beta   101.270
_cell.angle_gamma   90.000
#
_symmetry.space_group_name_H-M   'P 1 21 1'
#
loop_
_entity.id
_entity.type
_entity.pdbx_description
1 polymer 'putative glycosyl hydrolase'
2 non-polymer 1,2-ETHANEDIOL
3 non-polymer 'MAGNESIUM ION'
4 water water
#
_entity_poly.entity_id   1
_entity_poly.type   'polypeptide(L)'
_entity_poly.pdbx_seq_one_letter_code
;GAQD(MLY)(MLY)(MLY)EF(MLY)(MSE)PTGYAGITHE(MSE)SEFYEPVPPVVTPGTDL(MLY)GGGFTAPSDAIV
LFDG(MLY)DLSAWESV(MLY)GGAAEWDVHDGVFTVNK(MLY)(MLY)GDIQT(MLY)Q(MLY)FNDFQ(MSE)HIEWQ
VPTNITGESQSRGNSGIFLQG(MSE)YEVQVLDCYNNPTYVNGQTGSIYKQSIPLANA(MSE)R(MLY)PGEWNVYDIIY
TAPTFKEDGSYRTHPTVTVIQNGVVLQNHTTILGTTEWIGFPQV(MLY)(MLY)HGAGPIILQSHGDPSEPISFRNIWIR
EL
;
_entity_poly.pdbx_strand_id   A,B,C,D
#
# COMPACT_ATOMS: atom_id res chain seq x y z
N PRO A 12 -16.78 8.51 -32.88
CA PRO A 12 -15.33 8.42 -32.68
C PRO A 12 -14.92 7.10 -32.04
N THR A 13 -13.71 6.63 -32.39
CA THR A 13 -13.17 5.39 -31.84
C THR A 13 -11.74 5.61 -31.38
N GLY A 14 -11.27 4.71 -30.52
CA GLY A 14 -9.94 4.82 -29.91
C GLY A 14 -8.96 3.84 -30.50
N TYR A 15 -7.97 3.46 -29.69
CA TYR A 15 -6.91 2.57 -30.12
C TYR A 15 -7.47 1.25 -30.65
N ALA A 16 -7.06 0.89 -31.86
CA ALA A 16 -7.50 -0.32 -32.55
C ALA A 16 -9.03 -0.41 -32.67
N GLY A 17 -9.69 0.75 -32.73
CA GLY A 17 -11.13 0.82 -33.01
C GLY A 17 -12.03 0.66 -31.81
N ILE A 18 -11.48 0.69 -30.60
CA ILE A 18 -12.30 0.52 -29.39
C ILE A 18 -13.35 1.63 -29.31
N THR A 19 -14.57 1.26 -28.91
CA THR A 19 -15.71 2.16 -28.82
C THR A 19 -16.03 2.44 -27.35
N HIS A 20 -16.75 3.52 -27.09
CA HIS A 20 -17.06 3.90 -25.71
C HIS A 20 -17.90 2.84 -24.98
N GLU A 21 -18.77 2.14 -25.72
CA GLU A 21 -19.62 1.08 -25.15
C GLU A 21 -18.82 -0.08 -24.55
N SER A 23 -16.31 -0.07 -22.72
CA SER A 23 -15.89 0.20 -21.33
C SER A 23 -17.05 0.67 -20.47
N GLU A 24 -18.26 0.24 -20.81
CA GLU A 24 -19.46 0.59 -20.04
C GLU A 24 -20.12 -0.68 -19.49
N PHE A 25 -20.05 -0.84 -18.17
CA PHE A 25 -20.53 -2.06 -17.48
C PHE A 25 -21.72 -1.73 -16.60
N TYR A 26 -22.64 -2.69 -16.48
CA TYR A 26 -23.92 -2.45 -15.79
C TYR A 26 -24.07 -3.28 -14.52
N GLU A 27 -23.00 -3.95 -14.11
CA GLU A 27 -22.93 -4.69 -12.86
C GLU A 27 -21.47 -4.74 -12.42
N PRO A 28 -21.22 -4.87 -11.10
CA PRO A 28 -22.20 -4.94 -10.02
C PRO A 28 -22.81 -3.57 -9.68
N VAL A 29 -24.11 -3.56 -9.41
CA VAL A 29 -24.85 -2.34 -9.10
C VAL A 29 -24.59 -1.94 -7.65
N PRO A 30 -24.10 -0.72 -7.41
CA PRO A 30 -23.92 -0.28 -6.03
C PRO A 30 -25.26 -0.17 -5.31
N PRO A 31 -25.33 -0.60 -4.03
CA PRO A 31 -26.58 -0.52 -3.30
C PRO A 31 -27.04 0.91 -3.10
N VAL A 32 -28.35 1.13 -3.17
CA VAL A 32 -28.95 2.42 -2.89
C VAL A 32 -29.05 2.63 -1.39
N VAL A 33 -28.47 3.72 -0.91
CA VAL A 33 -28.50 4.10 0.47
C VAL A 33 -29.14 5.48 0.57
N THR A 34 -30.11 5.63 1.47
CA THR A 34 -30.64 6.94 1.80
C THR A 34 -29.74 7.56 2.88
N PRO A 35 -28.99 8.63 2.54
CA PRO A 35 -28.10 9.21 3.54
C PRO A 35 -28.86 9.92 4.64
N GLY A 36 -28.20 10.15 5.78
CA GLY A 36 -28.79 10.90 6.88
C GLY A 36 -28.80 12.40 6.58
N THR A 37 -29.16 13.19 7.59
CA THR A 37 -29.21 14.63 7.49
C THR A 37 -28.10 15.25 8.35
N ASP A 38 -27.97 16.58 8.32
CA ASP A 38 -26.97 17.28 9.12
C ASP A 38 -27.54 17.63 10.48
N LEU A 39 -26.82 17.25 11.53
CA LEU A 39 -27.18 17.57 12.90
C LEU A 39 -26.59 18.92 13.28
N GLY A 41 -24.73 21.81 14.73
CA GLY A 41 -23.49 21.79 15.52
C GLY A 41 -22.67 20.52 15.39
N GLY A 42 -23.10 19.62 14.52
CA GLY A 42 -22.43 18.33 14.35
C GLY A 42 -22.21 17.98 12.91
N GLY A 43 -22.37 16.70 12.58
CA GLY A 43 -22.20 16.20 11.22
C GLY A 43 -23.38 15.37 10.77
N PHE A 44 -23.09 14.37 9.93
CA PHE A 44 -24.14 13.56 9.33
C PHE A 44 -24.76 12.57 10.34
N THR A 45 -26.08 12.44 10.31
CA THR A 45 -26.76 11.38 11.03
C THR A 45 -26.66 10.09 10.22
N ALA A 46 -27.19 9.01 10.76
CA ALA A 46 -26.98 7.67 10.18
C ALA A 46 -27.66 7.51 8.82
N PRO A 47 -26.92 6.97 7.84
CA PRO A 47 -27.55 6.56 6.59
C PRO A 47 -28.39 5.31 6.79
N SER A 48 -29.22 4.99 5.82
CA SER A 48 -30.24 3.95 5.97
C SER A 48 -29.68 2.54 6.24
N ASP A 49 -28.46 2.27 5.77
CA ASP A 49 -27.84 0.95 5.96
C ASP A 49 -26.90 0.90 7.18
N ALA A 50 -26.85 1.97 7.95
CA ALA A 50 -25.96 2.03 9.09
C ALA A 50 -26.60 1.43 10.32
N ILE A 51 -25.78 0.88 11.21
CA ILE A 51 -26.23 0.45 12.52
C ILE A 51 -26.19 1.67 13.41
N VAL A 52 -27.32 2.03 13.99
CA VAL A 52 -27.39 3.17 14.91
C VAL A 52 -26.96 2.74 16.31
N LEU A 53 -25.77 3.16 16.73
CA LEU A 53 -25.24 2.77 18.05
C LEU A 53 -25.75 3.70 19.15
N PHE A 54 -26.02 4.96 18.79
CA PHE A 54 -26.71 5.88 19.69
C PHE A 54 -27.31 7.04 18.91
N ASP A 55 -28.60 7.31 19.14
CA ASP A 55 -29.22 8.51 18.60
C ASP A 55 -30.12 9.20 19.61
N GLY A 56 -29.83 9.01 20.90
CA GLY A 56 -30.48 9.78 21.96
C GLY A 56 -31.34 8.99 22.94
N ASP A 58 -31.14 5.33 24.17
CA ASP A 58 -30.59 4.40 25.16
C ASP A 58 -29.29 3.80 24.70
N LEU A 59 -28.69 2.96 25.55
CA LEU A 59 -27.44 2.27 25.24
C LEU A 59 -27.66 0.76 25.03
N SER A 60 -28.80 0.42 24.44
CA SER A 60 -29.15 -1.00 24.22
C SER A 60 -28.20 -1.71 23.24
N ALA A 61 -27.48 -0.95 22.42
CA ALA A 61 -26.47 -1.52 21.54
C ALA A 61 -25.12 -1.75 22.24
N TRP A 62 -25.03 -1.38 23.52
CA TRP A 62 -23.78 -1.43 24.27
C TRP A 62 -23.87 -2.33 25.49
N GLU A 63 -22.71 -2.68 26.02
CA GLU A 63 -22.60 -3.45 27.25
C GLU A 63 -21.37 -2.96 28.01
N SER A 64 -21.34 -3.20 29.32
CA SER A 64 -20.12 -3.00 30.09
C SER A 64 -19.07 -4.01 29.65
N VAL A 65 -17.81 -3.60 29.64
CA VAL A 65 -16.72 -4.55 29.38
C VAL A 65 -16.64 -5.59 30.49
N GLY A 67 -19.18 -7.08 31.59
CA GLY A 67 -20.39 -7.87 31.44
C GLY A 67 -21.60 -7.13 31.98
N GLY A 68 -22.75 -7.33 31.35
CA GLY A 68 -24.00 -6.68 31.75
C GLY A 68 -24.22 -5.34 31.04
N ALA A 69 -25.27 -4.63 31.46
CA ALA A 69 -25.68 -3.39 30.82
C ALA A 69 -24.61 -2.31 30.84
N ALA A 70 -24.61 -1.46 29.81
CA ALA A 70 -23.75 -0.30 29.78
C ALA A 70 -24.38 0.76 30.65
N GLU A 71 -23.70 1.12 31.75
CA GLU A 71 -24.30 2.00 32.75
C GLU A 71 -23.67 3.39 32.72
N TRP A 72 -23.51 3.93 31.53
CA TRP A 72 -23.24 5.36 31.38
C TRP A 72 -24.57 6.08 31.32
N ASP A 73 -24.57 7.38 31.56
CA ASP A 73 -25.81 8.09 31.85
C ASP A 73 -26.39 8.75 30.62
N VAL A 74 -27.60 8.32 30.25
CA VAL A 74 -28.33 8.83 29.10
C VAL A 74 -29.28 9.92 29.54
N HIS A 75 -29.18 11.10 28.89
CA HIS A 75 -29.99 12.25 29.23
C HIS A 75 -29.91 13.28 28.13
N ASP A 76 -31.01 14.00 27.90
CA ASP A 76 -31.01 15.15 26.97
C ASP A 76 -30.46 14.81 25.59
N GLY A 77 -30.68 13.59 25.12
CA GLY A 77 -30.22 13.17 23.81
C GLY A 77 -28.73 12.88 23.69
N VAL A 78 -28.02 12.85 24.82
CA VAL A 78 -26.62 12.49 24.85
C VAL A 78 -26.40 11.40 25.89
N PHE A 79 -25.21 10.82 25.92
CA PHE A 79 -24.84 10.01 27.07
C PHE A 79 -23.48 10.46 27.61
N THR A 80 -23.31 10.32 28.92
CA THR A 80 -22.19 10.88 29.63
C THR A 80 -21.44 9.77 30.34
N VAL A 81 -20.11 9.80 30.25
CA VAL A 81 -19.26 8.82 30.89
C VAL A 81 -19.48 8.81 32.40
N ASN A 82 -19.63 7.62 32.96
CA ASN A 82 -19.60 7.44 34.41
C ASN A 82 -18.33 6.68 34.74
N LYS A 83 -17.33 7.39 35.25
CA LYS A 83 -16.01 6.80 35.47
C LYS A 83 -16.01 5.68 36.52
N GLY A 86 -16.64 2.23 34.46
CA GLY A 86 -15.62 1.68 33.56
C GLY A 86 -16.03 1.74 32.10
N ASP A 87 -15.23 1.10 31.24
CA ASP A 87 -15.44 1.15 29.79
C ASP A 87 -16.73 0.47 29.37
N ILE A 88 -17.32 0.96 28.29
CA ILE A 88 -18.44 0.26 27.64
C ILE A 88 -18.04 -0.08 26.20
N GLN A 89 -18.69 -1.08 25.62
CA GLN A 89 -18.38 -1.52 24.28
C GLN A 89 -19.62 -1.95 23.54
N THR A 90 -19.55 -1.95 22.21
CA THR A 90 -20.65 -2.42 21.39
C THR A 90 -20.85 -3.93 21.60
N GLN A 92 -22.04 -5.75 19.34
CA GLN A 92 -21.67 -6.29 18.04
C GLN A 92 -20.17 -6.10 17.78
N PHE A 94 -16.92 -6.04 14.84
CA PHE A 94 -16.74 -5.47 13.51
C PHE A 94 -15.37 -5.77 12.94
N ASN A 95 -15.28 -5.72 11.61
CA ASN A 95 -14.01 -5.83 10.89
C ASN A 95 -13.69 -4.53 10.18
N ASP A 96 -14.05 -4.40 8.90
CA ASP A 96 -13.89 -3.16 8.17
C ASP A 96 -15.15 -2.33 8.37
N PHE A 97 -14.99 -1.03 8.60
CA PHE A 97 -16.16 -0.18 8.83
C PHE A 97 -15.87 1.30 8.65
N GLN A 98 -16.95 2.03 8.47
CA GLN A 98 -16.98 3.47 8.54
C GLN A 98 -17.82 3.82 9.77
N HIS A 100 -19.17 7.04 12.70
CA HIS A 100 -19.40 8.45 13.05
C HIS A 100 -19.62 8.55 14.56
N ILE A 101 -19.03 9.56 15.19
CA ILE A 101 -19.17 9.76 16.63
C ILE A 101 -18.87 11.21 16.99
N GLU A 102 -19.72 11.79 17.82
CA GLU A 102 -19.59 13.17 18.23
C GLU A 102 -19.41 13.20 19.74
N TRP A 103 -18.55 14.10 20.20
CA TRP A 103 -18.25 14.19 21.63
C TRP A 103 -18.04 15.63 22.10
N GLN A 104 -18.45 15.87 23.35
CA GLN A 104 -18.48 17.20 23.93
C GLN A 104 -17.69 17.23 25.23
N VAL A 105 -16.70 18.11 25.29
CA VAL A 105 -16.02 18.42 26.55
C VAL A 105 -16.93 19.39 27.30
N PRO A 106 -17.26 19.08 28.57
CA PRO A 106 -18.18 19.96 29.28
C PRO A 106 -17.57 21.34 29.57
N THR A 107 -18.41 22.36 29.66
CA THR A 107 -17.93 23.73 29.82
C THR A 107 -17.18 23.96 31.13
N ASN A 108 -17.47 23.12 32.14
CA ASN A 108 -16.78 23.20 33.44
C ASN A 108 -15.59 22.25 33.57
N ILE A 109 -15.05 21.81 32.43
CA ILE A 109 -13.88 20.93 32.41
C ILE A 109 -12.70 21.49 33.21
N THR A 110 -11.98 20.61 33.88
CA THR A 110 -10.72 20.94 34.52
C THR A 110 -9.70 19.87 34.19
N GLY A 111 -8.43 20.17 34.50
CA GLY A 111 -7.35 19.22 34.29
C GLY A 111 -6.37 19.65 33.22
N GLU A 112 -5.24 18.94 33.15
CA GLU A 112 -4.17 19.27 32.22
C GLU A 112 -3.67 18.03 31.50
N SER A 113 -3.07 18.25 30.34
CA SER A 113 -2.44 17.19 29.56
C SER A 113 -3.40 16.01 29.37
N GLN A 114 -2.96 14.80 29.69
CA GLN A 114 -3.78 13.60 29.50
C GLN A 114 -4.94 13.46 30.49
N SER A 115 -5.01 14.34 31.48
CA SER A 115 -6.04 14.25 32.52
C SER A 115 -7.14 15.30 32.33
N ARG A 116 -7.45 15.64 31.08
CA ARG A 116 -8.45 16.66 30.78
C ARG A 116 -9.38 16.21 29.65
N GLY A 117 -10.48 15.58 30.01
CA GLY A 117 -11.44 15.08 29.04
C GLY A 117 -10.93 13.91 28.21
N ASN A 118 -10.18 13.03 28.86
CA ASN A 118 -9.61 11.86 28.21
C ASN A 118 -10.64 10.73 28.06
N SER A 119 -10.91 10.36 26.82
CA SER A 119 -11.61 9.12 26.51
C SER A 119 -10.91 8.53 25.30
N GLY A 120 -11.63 7.77 24.51
CA GLY A 120 -11.03 7.19 23.32
C GLY A 120 -11.92 6.16 22.67
N ILE A 121 -11.67 5.92 21.39
CA ILE A 121 -12.40 4.93 20.62
C ILE A 121 -11.42 3.80 20.25
N PHE A 122 -11.58 2.65 20.88
CA PHE A 122 -10.73 1.50 20.60
C PHE A 122 -11.31 0.70 19.44
N LEU A 123 -10.65 0.78 18.31
CA LEU A 123 -11.10 0.13 17.08
C LEU A 123 -10.84 -1.37 17.20
N GLN A 124 -11.90 -2.16 17.00
CA GLN A 124 -11.89 -3.60 17.29
C GLN A 124 -11.40 -3.92 18.70
N GLY A 125 -11.52 -2.95 19.61
CA GLY A 125 -11.08 -3.13 20.99
C GLY A 125 -9.58 -3.09 21.22
N TYR A 127 -7.16 -0.69 19.21
CA TYR A 127 -6.41 0.43 18.68
C TYR A 127 -7.09 1.77 18.97
N GLU A 128 -6.53 2.52 19.92
CA GLU A 128 -7.20 3.72 20.40
C GLU A 128 -7.02 4.92 19.48
N VAL A 129 -8.14 5.48 19.04
CA VAL A 129 -8.18 6.84 18.52
C VAL A 129 -8.44 7.74 19.71
N GLN A 130 -7.45 8.55 20.06
CA GLN A 130 -7.50 9.34 21.28
C GLN A 130 -8.62 10.38 21.24
N VAL A 131 -9.31 10.51 22.37
CA VAL A 131 -10.22 11.61 22.62
C VAL A 131 -9.67 12.37 23.83
N LEU A 132 -9.56 13.68 23.70
CA LEU A 132 -8.99 14.53 24.73
C LEU A 132 -9.35 15.98 24.47
N ASP A 133 -9.46 16.77 25.53
CA ASP A 133 -9.63 18.20 25.35
C ASP A 133 -8.27 18.86 25.10
N CYS A 134 -7.98 19.11 23.83
CA CYS A 134 -6.73 19.78 23.47
C CYS A 134 -6.98 21.21 23.01
N TYR A 135 -8.12 21.78 23.44
CA TYR A 135 -8.38 23.20 23.23
C TYR A 135 -7.62 23.98 24.31
N ASN A 136 -6.53 24.62 23.91
CA ASN A 136 -5.63 25.31 24.84
C ASN A 136 -5.17 24.41 25.99
N ASN A 137 -4.77 23.19 25.63
CA ASN A 137 -4.24 22.24 26.61
C ASN A 137 -3.13 21.43 25.95
N PRO A 138 -1.88 21.84 26.14
CA PRO A 138 -0.78 21.06 25.54
C PRO A 138 -0.61 19.69 26.20
N THR A 139 -0.10 18.74 25.43
CA THR A 139 0.24 17.42 25.93
C THR A 139 1.27 16.82 24.98
N TYR A 140 1.66 15.58 25.22
CA TYR A 140 2.59 14.94 24.27
C TYR A 140 1.85 14.69 22.96
N VAL A 141 2.50 15.05 21.86
CA VAL A 141 1.81 15.19 20.58
C VAL A 141 1.39 13.85 19.98
N ASN A 142 2.16 12.80 20.26
CA ASN A 142 1.79 11.46 19.81
C ASN A 142 0.67 10.83 20.63
N GLY A 143 0.19 11.55 21.66
CA GLY A 143 -0.98 11.11 22.42
C GLY A 143 -2.08 12.16 22.54
N GLN A 144 -2.06 13.17 21.68
CA GLN A 144 -3.08 14.21 21.74
C GLN A 144 -4.31 13.79 20.93
N THR A 145 -5.32 14.65 20.90
CA THR A 145 -6.60 14.34 20.25
C THR A 145 -6.43 13.87 18.81
N GLY A 146 -7.07 12.76 18.48
CA GLY A 146 -7.03 12.22 17.12
C GLY A 146 -5.78 11.44 16.78
N SER A 147 -4.86 11.31 17.72
CA SER A 147 -3.70 10.45 17.54
C SER A 147 -4.18 9.00 17.51
N ILE A 148 -3.44 8.15 16.82
CA ILE A 148 -3.47 6.73 17.10
C ILE A 148 -2.52 6.60 18.27
N TYR A 149 -3.08 6.36 19.45
CA TYR A 149 -2.41 6.69 20.71
C TYR A 149 -0.95 6.20 20.81
N LYS A 150 -0.05 7.16 20.90
CA LYS A 150 1.42 6.96 21.04
C LYS A 150 2.09 6.28 19.84
N GLN A 151 1.43 6.30 18.69
CA GLN A 151 2.00 5.76 17.47
C GLN A 151 2.10 6.81 16.37
N SER A 152 0.99 7.48 16.10
CA SER A 152 0.87 8.39 14.97
CA SER A 152 0.87 8.40 14.96
C SER A 152 0.31 9.74 15.41
N ILE A 153 1.13 10.78 15.24
CA ILE A 153 0.78 12.14 15.56
C ILE A 153 -0.27 12.63 14.58
N PRO A 154 -1.33 13.28 15.07
CA PRO A 154 -2.37 13.77 14.15
C PRO A 154 -1.86 14.93 13.30
N LEU A 155 -2.43 15.08 12.10
CA LEU A 155 -1.99 16.10 11.15
C LEU A 155 -2.35 17.52 11.58
N ALA A 156 -3.29 17.65 12.52
CA ALA A 156 -3.66 18.97 13.01
C ALA A 156 -4.32 18.88 14.37
N ASN A 157 -4.46 20.04 15.00
CA ASN A 157 -5.32 20.21 16.15
C ASN A 157 -6.56 20.96 15.65
N ALA A 158 -7.67 20.26 15.54
CA ALA A 158 -8.90 20.83 14.99
C ALA A 158 -10.00 20.90 16.04
N ARG A 160 -12.79 22.00 18.70
CA ARG A 160 -13.77 23.00 19.08
C ARG A 160 -13.75 23.14 20.61
N PRO A 162 -14.83 23.74 24.70
CA PRO A 162 -15.78 23.05 25.56
C PRO A 162 -17.22 23.56 25.44
N GLY A 163 -18.18 22.65 25.42
CA GLY A 163 -19.57 23.00 25.19
C GLY A 163 -19.99 22.68 23.77
N GLU A 164 -19.06 22.78 22.82
CA GLU A 164 -19.34 22.50 21.41
C GLU A 164 -19.03 21.04 21.11
N TRP A 165 -19.50 20.55 19.96
CA TRP A 165 -19.41 19.15 19.62
C TRP A 165 -18.30 18.90 18.63
N ASN A 166 -17.38 18.01 19.00
CA ASN A 166 -16.32 17.58 18.11
C ASN A 166 -16.74 16.35 17.33
N VAL A 167 -16.68 16.44 16.02
CA VAL A 167 -17.22 15.42 15.13
C VAL A 167 -16.10 14.54 14.56
N TYR A 168 -16.19 13.23 14.83
CA TYR A 168 -15.28 12.26 14.22
C TYR A 168 -15.99 11.49 13.11
N ASP A 169 -15.33 11.39 11.97
CA ASP A 169 -15.66 10.42 10.94
C ASP A 169 -14.43 9.54 10.72
N ILE A 170 -14.63 8.23 10.82
CA ILE A 170 -13.54 7.26 10.87
C ILE A 170 -13.75 6.18 9.83
N ILE A 171 -12.73 5.91 9.03
CA ILE A 171 -12.77 4.83 8.06
C ILE A 171 -11.66 3.85 8.41
N TYR A 172 -12.03 2.59 8.63
CA TYR A 172 -11.11 1.59 9.19
C TYR A 172 -11.07 0.31 8.35
N THR A 173 -9.85 -0.14 8.09
CA THR A 173 -9.60 -1.42 7.46
C THR A 173 -8.92 -2.32 8.49
N ALA A 174 -9.52 -3.47 8.76
CA ALA A 174 -9.01 -4.41 9.74
C ALA A 174 -7.75 -5.10 9.23
N PRO A 175 -6.90 -5.57 10.16
CA PRO A 175 -5.73 -6.34 9.76
C PRO A 175 -6.09 -7.78 9.41
N THR A 176 -5.17 -8.47 8.75
CA THR A 176 -5.20 -9.92 8.67
C THR A 176 -3.97 -10.46 9.37
N PHE A 177 -4.07 -11.67 9.91
CA PHE A 177 -2.98 -12.27 10.67
C PHE A 177 -2.51 -13.57 10.04
N LYS A 178 -1.21 -13.82 10.13
CA LYS A 178 -0.65 -15.09 9.69
C LYS A 178 -0.92 -16.16 10.73
N GLU A 179 -0.73 -17.42 10.34
CA GLU A 179 -0.97 -18.55 11.23
CA GLU A 179 -0.96 -18.56 11.23
C GLU A 179 -0.12 -18.46 12.49
N ASP A 180 1.10 -17.94 12.37
CA ASP A 180 1.98 -17.82 13.54
C ASP A 180 1.63 -16.63 14.45
N GLY A 181 0.56 -15.90 14.13
CA GLY A 181 0.10 -14.80 14.98
C GLY A 181 0.63 -13.41 14.64
N SER A 182 1.59 -13.32 13.73
CA SER A 182 2.10 -12.02 13.29
C SER A 182 1.15 -11.38 12.28
N TYR A 183 1.32 -10.07 12.05
CA TYR A 183 0.51 -9.36 11.07
C TYR A 183 0.82 -9.84 9.66
N ARG A 184 -0.22 -10.14 8.90
CA ARG A 184 -0.11 -10.35 7.47
C ARG A 184 -0.31 -9.01 6.77
N THR A 185 -1.39 -8.31 7.13
CA THR A 185 -1.61 -6.92 6.73
C THR A 185 -1.95 -6.13 7.98
N HIS A 186 -1.41 -4.93 8.10
CA HIS A 186 -1.67 -4.08 9.24
C HIS A 186 -3.00 -3.38 9.06
N PRO A 187 -3.60 -2.92 10.18
CA PRO A 187 -4.81 -2.15 10.03
C PRO A 187 -4.48 -0.77 9.50
N THR A 188 -5.42 -0.15 8.81
CA THR A 188 -5.28 1.23 8.38
C THR A 188 -6.51 2.03 8.80
N VAL A 189 -6.32 3.32 9.02
CA VAL A 189 -7.40 4.17 9.51
C VAL A 189 -7.27 5.60 8.98
N THR A 190 -8.40 6.16 8.59
CA THR A 190 -8.51 7.59 8.29
C THR A 190 -9.42 8.19 9.36
N VAL A 191 -8.99 9.33 9.91
CA VAL A 191 -9.74 10.03 10.94
C VAL A 191 -9.93 11.49 10.52
N ILE A 192 -11.18 11.94 10.55
CA ILE A 192 -11.52 13.31 10.20
C ILE A 192 -12.21 13.93 11.41
N GLN A 193 -11.70 15.06 11.89
CA GLN A 193 -12.30 15.76 13.02
C GLN A 193 -12.80 17.14 12.63
N ASN A 194 -14.10 17.36 12.82
CA ASN A 194 -14.74 18.62 12.43
C ASN A 194 -14.38 18.99 10.98
N GLY A 195 -14.42 17.98 10.12
CA GLY A 195 -14.13 18.16 8.70
C GLY A 195 -12.66 18.21 8.31
N VAL A 196 -11.76 18.18 9.30
CA VAL A 196 -10.32 18.25 9.07
C VAL A 196 -9.68 16.87 9.19
N VAL A 197 -8.92 16.46 8.18
CA VAL A 197 -8.23 15.16 8.19
C VAL A 197 -7.09 15.16 9.20
N LEU A 198 -7.15 14.25 10.16
CA LEU A 198 -6.15 14.12 11.23
C LEU A 198 -5.26 12.90 11.04
N GLN A 199 -5.83 11.82 10.50
CA GLN A 199 -5.09 10.65 10.11
C GLN A 199 -5.47 10.33 8.67
N ASN A 200 -4.47 10.35 7.78
CA ASN A 200 -4.70 10.10 6.37
C ASN A 200 -4.21 8.70 5.97
N HIS A 201 -5.10 7.73 6.02
CA HIS A 201 -4.78 6.34 5.72
C HIS A 201 -3.53 5.89 6.48
N THR A 202 -3.58 6.05 7.80
CA THR A 202 -2.47 5.76 8.68
C THR A 202 -2.38 4.28 8.98
N THR A 203 -1.18 3.72 8.89
CA THR A 203 -0.96 2.32 9.24
C THR A 203 -0.84 2.19 10.76
N ILE A 204 -1.58 1.25 11.32
CA ILE A 204 -1.53 0.96 12.75
C ILE A 204 -0.48 -0.13 12.97
N LEU A 205 0.42 0.10 13.92
CA LEU A 205 1.59 -0.76 14.12
C LEU A 205 1.33 -1.95 15.04
N GLY A 206 0.25 -1.85 15.82
CA GLY A 206 -0.07 -2.86 16.82
C GLY A 206 -0.94 -2.22 17.87
N THR A 207 -1.17 -2.91 18.99
CA THR A 207 -1.98 -2.35 20.07
C THR A 207 -1.44 -0.98 20.50
N THR A 208 -2.34 -0.08 20.86
CA THR A 208 -1.93 1.19 21.43
C THR A 208 -1.60 0.96 22.91
N GLU A 209 -0.44 1.45 23.33
CA GLU A 209 0.09 1.14 24.67
C GLU A 209 0.61 2.39 25.37
N TRP A 210 0.24 2.55 26.64
CA TRP A 210 0.76 3.61 27.48
C TRP A 210 2.22 3.38 27.79
N ILE A 211 2.60 2.11 27.94
CA ILE A 211 3.98 1.73 28.27
C ILE A 211 4.50 0.75 27.23
N GLY A 212 5.66 1.08 26.66
CA GLY A 212 6.35 0.18 25.75
C GLY A 212 5.92 0.30 24.29
N PHE A 213 6.47 -0.60 23.47
CA PHE A 213 6.19 -0.63 22.05
C PHE A 213 4.81 -1.23 21.78
N PRO A 214 4.21 -0.86 20.63
CA PRO A 214 2.95 -1.52 20.25
C PRO A 214 3.09 -3.03 20.23
N GLN A 215 2.06 -3.74 20.64
CA GLN A 215 2.11 -5.21 20.70
C GLN A 215 1.33 -5.84 19.55
N VAL A 216 1.85 -6.96 19.06
CA VAL A 216 1.24 -7.76 18.00
C VAL A 216 0.46 -8.89 18.64
N HIS A 219 -6.14 -11.21 16.63
CA HIS A 219 -7.55 -11.06 16.97
C HIS A 219 -8.37 -11.14 15.70
N GLY A 220 -9.65 -11.42 15.86
CA GLY A 220 -10.60 -11.36 14.76
C GLY A 220 -11.41 -10.09 14.89
N ALA A 221 -12.71 -10.20 14.58
CA ALA A 221 -13.63 -9.10 14.74
C ALA A 221 -13.65 -8.64 16.20
N GLY A 222 -13.81 -7.33 16.40
CA GLY A 222 -13.85 -6.77 17.74
C GLY A 222 -14.85 -5.64 17.88
N PRO A 223 -15.28 -5.37 19.11
CA PRO A 223 -16.24 -4.31 19.33
C PRO A 223 -15.59 -2.95 19.27
N ILE A 224 -16.39 -1.91 19.29
CA ILE A 224 -15.91 -0.56 19.54
C ILE A 224 -15.97 -0.37 21.04
N ILE A 225 -14.84 -0.03 21.65
CA ILE A 225 -14.79 0.25 23.08
C ILE A 225 -14.60 1.74 23.30
N LEU A 226 -15.45 2.32 24.15
CA LEU A 226 -15.30 3.71 24.58
C LEU A 226 -14.65 3.74 25.96
N GLN A 227 -13.61 4.56 26.08
CA GLN A 227 -12.74 4.55 27.25
C GLN A 227 -13.26 5.40 28.39
N SER A 228 -13.27 4.80 29.58
CA SER A 228 -13.44 5.52 30.83
C SER A 228 -12.06 5.71 31.44
N HIS A 229 -11.47 6.88 31.23
CA HIS A 229 -10.12 7.17 31.71
C HIS A 229 -10.21 7.71 33.14
N GLY A 230 -9.63 6.99 34.09
CA GLY A 230 -9.94 7.22 35.51
C GLY A 230 -9.31 8.43 36.20
N ASP A 231 -8.89 9.44 35.44
CA ASP A 231 -8.47 10.71 36.01
C ASP A 231 -9.70 11.47 36.55
N PRO A 232 -9.48 12.49 37.40
CA PRO A 232 -10.63 13.14 38.03
C PRO A 232 -11.41 14.17 37.18
N SER A 233 -10.99 14.41 35.93
CA SER A 233 -11.66 15.43 35.12
C SER A 233 -13.13 15.11 34.87
N GLU A 234 -13.92 16.16 34.76
CA GLU A 234 -15.36 16.06 34.52
C GLU A 234 -15.63 15.25 33.25
N PRO A 235 -16.66 14.37 33.27
CA PRO A 235 -16.80 13.39 32.21
C PRO A 235 -17.26 14.00 30.89
N ILE A 236 -16.80 13.45 29.77
CA ILE A 236 -17.26 13.95 28.47
C ILE A 236 -18.58 13.28 28.08
N SER A 237 -19.28 13.88 27.14
CA SER A 237 -20.55 13.35 26.65
C SER A 237 -20.47 12.98 25.18
N PHE A 238 -21.30 12.04 24.77
CA PHE A 238 -21.34 11.54 23.40
C PHE A 238 -22.72 11.66 22.79
N ARG A 239 -22.79 11.76 21.46
CA ARG A 239 -24.04 11.68 20.73
C ARG A 239 -23.80 11.23 19.30
N ASN A 240 -24.89 10.91 18.61
CA ASN A 240 -24.88 10.58 17.18
C ASN A 240 -23.77 9.62 16.80
N ILE A 241 -23.90 8.39 17.27
CA ILE A 241 -22.94 7.35 16.96
C ILE A 241 -23.59 6.37 16.00
N TRP A 242 -22.98 6.19 14.83
CA TRP A 242 -23.40 5.14 13.92
C TRP A 242 -22.19 4.49 13.23
N ILE A 243 -22.42 3.29 12.71
CA ILE A 243 -21.38 2.49 12.11
C ILE A 243 -21.97 1.72 10.95
N ARG A 244 -21.24 1.66 9.85
CA ARG A 244 -21.67 0.82 8.74
C ARG A 244 -20.50 -0.02 8.28
N GLU A 245 -20.80 -1.28 8.03
CA GLU A 245 -19.77 -2.24 7.70
C GLU A 245 -19.36 -2.05 6.26
N LEU A 246 -18.07 -2.21 6.00
CA LEU A 246 -17.54 -2.10 4.65
C LEU A 246 -17.00 -3.47 4.24
N PRO B 12 4.45 1.86 37.44
CA PRO B 12 4.65 0.60 36.74
C PRO B 12 5.62 0.76 35.56
N THR B 13 6.35 -0.31 35.24
CA THR B 13 7.28 -0.31 34.12
C THR B 13 7.02 -1.51 33.23
N GLY B 14 7.49 -1.43 32.00
CA GLY B 14 7.22 -2.46 31.00
C GLY B 14 8.44 -3.31 30.73
N TYR B 15 8.51 -3.85 29.51
CA TYR B 15 9.60 -4.74 29.11
C TYR B 15 10.96 -4.08 29.31
N ALA B 16 11.84 -4.77 30.03
CA ALA B 16 13.20 -4.29 30.34
C ALA B 16 13.20 -2.93 31.04
N GLY B 17 12.13 -2.62 31.76
CA GLY B 17 12.06 -1.43 32.60
C GLY B 17 11.61 -0.15 31.90
N ILE B 18 11.11 -0.27 30.68
CA ILE B 18 10.68 0.91 29.93
C ILE B 18 9.56 1.62 30.69
N THR B 19 9.62 2.95 30.69
CA THR B 19 8.65 3.79 31.40
C THR B 19 7.75 4.51 30.40
N HIS B 20 6.59 4.96 30.87
CA HIS B 20 5.63 5.63 29.98
C HIS B 20 6.19 6.92 29.36
N GLU B 21 7.06 7.62 30.10
CA GLU B 21 7.69 8.85 29.61
C GLU B 21 8.56 8.64 28.36
N SER B 23 7.99 7.01 25.78
CA SER B 23 7.21 7.06 24.54
C SER B 23 6.31 8.30 24.47
N GLU B 24 6.74 9.38 25.12
CA GLU B 24 5.97 10.63 25.13
C GLU B 24 6.82 11.75 24.53
N PHE B 25 6.43 12.19 23.33
CA PHE B 25 7.19 13.17 22.56
C PHE B 25 6.40 14.48 22.44
N TYR B 26 7.11 15.60 22.41
CA TYR B 26 6.47 16.93 22.44
C TYR B 26 6.69 17.73 21.15
N GLU B 27 7.24 17.07 20.14
CA GLU B 27 7.41 17.64 18.81
C GLU B 27 7.44 16.49 17.80
N PRO B 28 7.06 16.76 16.55
CA PRO B 28 6.55 18.02 16.01
C PRO B 28 5.11 18.32 16.46
N VAL B 29 4.85 19.59 16.77
CA VAL B 29 3.53 20.03 17.23
C VAL B 29 2.59 20.19 16.03
N PRO B 30 1.45 19.48 16.02
CA PRO B 30 0.49 19.68 14.95
C PRO B 30 -0.08 21.10 14.95
N PRO B 31 -0.24 21.70 13.76
CA PRO B 31 -0.76 23.07 13.70
C PRO B 31 -2.18 23.16 14.21
N VAL B 32 -2.48 24.26 14.90
CA VAL B 32 -3.82 24.55 15.39
C VAL B 32 -4.66 25.11 14.25
N VAL B 33 -5.77 24.45 13.97
CA VAL B 33 -6.72 24.86 12.95
C VAL B 33 -8.06 25.13 13.61
N THR B 34 -8.66 26.27 13.30
CA THR B 34 -10.04 26.53 13.71
C THR B 34 -10.96 25.92 12.64
N PRO B 35 -11.71 24.86 12.98
CA PRO B 35 -12.56 24.24 11.97
C PRO B 35 -13.74 25.13 11.58
N GLY B 36 -14.35 24.84 10.45
CA GLY B 36 -15.57 25.54 10.04
C GLY B 36 -16.78 25.04 10.81
N THR B 37 -17.97 25.50 10.40
CA THR B 37 -19.24 25.10 11.01
C THR B 37 -20.03 24.24 10.03
N ASP B 38 -21.18 23.77 10.48
CA ASP B 38 -22.06 22.95 9.63
C ASP B 38 -23.01 23.84 8.86
N LEU B 39 -23.04 23.65 7.54
CA LEU B 39 -23.93 24.37 6.66
C LEU B 39 -25.23 23.59 6.56
N GLY B 41 -28.27 21.64 5.56
CA GLY B 41 -28.47 20.81 4.36
C GLY B 41 -27.19 20.36 3.67
N GLY B 42 -26.04 20.69 4.27
CA GLY B 42 -24.75 20.40 3.66
C GLY B 42 -23.80 19.77 4.65
N GLY B 43 -22.52 20.16 4.54
CA GLY B 43 -21.48 19.67 5.44
C GLY B 43 -20.67 20.80 6.04
N PHE B 44 -19.39 20.54 6.28
CA PHE B 44 -18.51 21.50 6.94
C PHE B 44 -18.12 22.64 6.01
N THR B 45 -18.13 23.86 6.55
CA THR B 45 -17.55 25.01 5.86
C THR B 45 -16.03 24.98 6.05
N ALA B 46 -15.34 25.93 5.44
CA ALA B 46 -13.87 25.89 5.38
C ALA B 46 -13.22 26.07 6.74
N PRO B 47 -12.25 25.20 7.08
CA PRO B 47 -11.41 25.46 8.26
C PRO B 47 -10.46 26.62 8.00
N SER B 48 -9.83 27.12 9.06
CA SER B 48 -9.06 28.36 8.99
C SER B 48 -7.84 28.30 8.03
N ASP B 49 -7.28 27.11 7.83
CA ASP B 49 -6.10 26.95 6.96
C ASP B 49 -6.47 26.51 5.54
N ALA B 50 -7.75 26.46 5.24
CA ALA B 50 -8.19 26.05 3.93
C ALA B 50 -8.22 27.23 2.97
N ILE B 51 -8.00 26.94 1.69
CA ILE B 51 -8.22 27.91 0.64
C ILE B 51 -9.70 27.86 0.28
N VAL B 52 -10.39 29.00 0.40
CA VAL B 52 -11.80 29.07 0.05
C VAL B 52 -11.94 29.26 -1.45
N LEU B 53 -12.40 28.22 -2.16
CA LEU B 53 -12.56 28.29 -3.62
C LEU B 53 -13.92 28.90 -4.00
N PHE B 54 -14.92 28.70 -3.14
CA PHE B 54 -16.20 29.37 -3.29
C PHE B 54 -16.97 29.35 -1.99
N ASP B 55 -17.43 30.52 -1.54
CA ASP B 55 -18.36 30.58 -0.41
C ASP B 55 -19.50 31.57 -0.64
N GLY B 56 -19.86 31.79 -1.90
CA GLY B 56 -21.06 32.53 -2.25
C GLY B 56 -20.86 33.85 -2.97
N ASP B 58 -18.07 35.04 -5.37
CA ASP B 58 -17.58 35.15 -6.75
C ASP B 58 -16.70 33.97 -7.13
N LEU B 59 -16.25 33.95 -8.38
CA LEU B 59 -15.37 32.90 -8.88
C LEU B 59 -13.94 33.42 -9.13
N SER B 60 -13.49 34.34 -8.27
CA SER B 60 -12.16 34.94 -8.43
C SER B 60 -11.01 33.93 -8.25
N ALA B 61 -11.28 32.80 -7.62
CA ALA B 61 -10.29 31.73 -7.49
C ALA B 61 -10.25 30.82 -8.72
N TRP B 62 -11.11 31.08 -9.69
CA TRP B 62 -11.24 30.23 -10.87
C TRP B 62 -10.95 30.97 -12.17
N GLU B 63 -10.75 30.20 -13.23
CA GLU B 63 -10.56 30.73 -14.56
C GLU B 63 -11.17 29.76 -15.56
N SER B 64 -11.51 30.26 -16.74
CA SER B 64 -11.89 29.37 -17.84
C SER B 64 -10.69 28.53 -18.25
N VAL B 65 -10.93 27.28 -18.62
CA VAL B 65 -9.87 26.46 -19.20
C VAL B 65 -9.37 27.04 -20.53
N GLY B 67 -8.76 30.12 -20.89
CA GLY B 67 -8.10 31.36 -20.51
C GLY B 67 -9.11 32.44 -20.21
N GLY B 68 -8.78 33.34 -19.27
CA GLY B 68 -9.67 34.41 -18.87
C GLY B 68 -10.59 34.02 -17.71
N ALA B 69 -11.51 34.91 -17.38
CA ALA B 69 -12.41 34.73 -16.24
C ALA B 69 -13.28 33.49 -16.34
N ALA B 70 -13.62 32.92 -15.19
CA ALA B 70 -14.56 31.82 -15.13
C ALA B 70 -15.96 32.42 -15.23
N GLU B 71 -16.67 32.09 -16.32
CA GLU B 71 -17.95 32.75 -16.61
C GLU B 71 -19.13 31.81 -16.38
N TRP B 72 -19.10 31.11 -15.25
CA TRP B 72 -20.30 30.44 -14.76
C TRP B 72 -21.06 31.44 -13.90
N ASP B 73 -22.33 31.18 -13.65
CA ASP B 73 -23.23 32.20 -13.13
C ASP B 73 -23.38 32.14 -11.62
N VAL B 74 -22.95 33.21 -10.94
CA VAL B 74 -22.99 33.32 -9.49
C VAL B 74 -24.28 34.02 -9.09
N HIS B 75 -25.05 33.40 -8.21
CA HIS B 75 -26.32 33.96 -7.75
C HIS B 75 -26.77 33.23 -6.49
N ASP B 76 -27.44 33.94 -5.58
CA ASP B 76 -28.07 33.33 -4.41
C ASP B 76 -27.13 32.45 -3.59
N GLY B 77 -25.85 32.82 -3.53
CA GLY B 77 -24.87 32.05 -2.76
C GLY B 77 -24.40 30.75 -3.39
N VAL B 78 -24.77 30.52 -4.66
CA VAL B 78 -24.32 29.35 -5.39
C VAL B 78 -23.76 29.79 -6.73
N PHE B 79 -23.13 28.89 -7.46
CA PHE B 79 -22.84 29.17 -8.86
C PHE B 79 -23.30 28.01 -9.74
N THR B 80 -23.72 28.34 -10.95
CA THR B 80 -24.42 27.42 -11.82
C THR B 80 -23.64 27.29 -13.11
N VAL B 81 -23.51 26.06 -13.59
CA VAL B 81 -22.80 25.76 -14.83
C VAL B 81 -23.45 26.49 -16.00
N ASN B 82 -22.63 27.13 -16.83
CA ASN B 82 -23.07 27.65 -18.11
C ASN B 82 -22.40 26.82 -19.19
N LYS B 83 -23.15 25.91 -19.80
CA LYS B 83 -22.57 24.94 -20.74
C LYS B 83 -22.01 25.59 -22.00
N GLY B 86 -18.11 26.36 -21.21
CA GLY B 86 -17.13 25.28 -21.06
C GLY B 86 -16.60 25.13 -19.64
N ASP B 87 -15.58 24.28 -19.49
CA ASP B 87 -15.03 23.94 -18.16
C ASP B 87 -14.37 25.15 -17.50
N ILE B 88 -14.41 25.17 -16.16
CA ILE B 88 -13.63 26.14 -15.39
C ILE B 88 -12.69 25.37 -14.48
N GLN B 89 -11.61 26.03 -14.06
CA GLN B 89 -10.61 25.40 -13.21
C GLN B 89 -10.05 26.38 -12.21
N THR B 90 -9.49 25.85 -11.12
CA THR B 90 -8.81 26.68 -10.14
C THR B 90 -7.58 27.33 -10.75
N GLN B 92 -5.09 28.10 -8.96
CA GLN B 92 -4.02 27.45 -8.24
C GLN B 92 -3.94 25.96 -8.58
N PHE B 94 -2.44 21.98 -7.46
CA PHE B 94 -2.36 21.21 -6.22
C PHE B 94 -1.71 19.84 -6.43
N ASN B 95 -1.18 19.30 -5.34
CA ASN B 95 -0.66 17.94 -5.30
C ASN B 95 -1.50 17.06 -4.39
N ASP B 96 -1.10 16.92 -3.12
CA ASP B 96 -1.92 16.19 -2.14
C ASP B 96 -2.87 17.18 -1.50
N PHE B 97 -4.12 16.78 -1.32
CA PHE B 97 -5.10 17.69 -0.72
C PHE B 97 -6.34 16.99 -0.19
N GLN B 98 -7.04 17.73 0.67
CA GLN B 98 -8.37 17.40 1.11
C GLN B 98 -9.28 18.48 0.54
N HIS B 100 -13.55 19.86 -0.22
CA HIS B 100 -14.99 19.82 0.06
C HIS B 100 -15.74 20.52 -1.08
N ILE B 101 -16.85 19.93 -1.51
CA ILE B 101 -17.66 20.52 -2.58
C ILE B 101 -19.09 19.99 -2.51
N GLU B 102 -20.05 20.90 -2.64
CA GLU B 102 -21.46 20.56 -2.57
C GLU B 102 -22.11 20.92 -3.89
N TRP B 103 -23.03 20.06 -4.34
CA TRP B 103 -23.67 20.25 -5.64
C TRP B 103 -25.14 19.85 -5.63
N GLN B 104 -25.92 20.59 -6.42
CA GLN B 104 -27.37 20.47 -6.45
C GLN B 104 -27.86 20.20 -7.86
N VAL B 105 -28.58 19.10 -8.03
CA VAL B 105 -29.32 18.85 -9.26
C VAL B 105 -30.60 19.67 -9.17
N PRO B 106 -30.90 20.47 -10.20
CA PRO B 106 -32.09 21.33 -10.10
C PRO B 106 -33.38 20.51 -10.12
N THR B 107 -34.43 21.02 -9.50
CA THR B 107 -35.69 20.29 -9.38
C THR B 107 -36.37 20.01 -10.72
N ASN B 108 -36.07 20.84 -11.73
CA ASN B 108 -36.61 20.65 -13.07
C ASN B 108 -35.68 19.87 -14.02
N ILE B 109 -34.74 19.12 -13.45
CA ILE B 109 -33.82 18.28 -14.22
C ILE B 109 -34.55 17.35 -15.19
N THR B 110 -33.96 17.17 -16.37
CA THR B 110 -34.41 16.16 -17.33
C THR B 110 -33.21 15.40 -17.85
N GLY B 111 -33.47 14.29 -18.53
CA GLY B 111 -32.42 13.49 -19.14
C GLY B 111 -32.27 12.12 -18.51
N GLU B 112 -31.50 11.27 -19.17
CA GLU B 112 -31.29 9.90 -18.73
C GLU B 112 -29.81 9.53 -18.77
N SER B 113 -29.47 8.52 -17.97
CA SER B 113 -28.13 7.97 -17.94
C SER B 113 -27.08 9.08 -17.78
N GLN B 114 -26.07 9.11 -18.65
CA GLN B 114 -24.99 10.10 -18.56
C GLN B 114 -25.40 11.51 -18.94
N SER B 115 -26.61 11.69 -19.44
CA SER B 115 -27.06 13.00 -19.90
C SER B 115 -28.05 13.65 -18.92
N ARG B 116 -27.86 13.41 -17.62
CA ARG B 116 -28.75 13.93 -16.60
C ARG B 116 -27.95 14.49 -15.43
N GLY B 117 -27.65 15.79 -15.49
CA GLY B 117 -26.89 16.45 -14.42
C GLY B 117 -25.45 16.00 -14.35
N ASN B 118 -24.84 15.78 -15.52
CA ASN B 118 -23.45 15.35 -15.61
C ASN B 118 -22.50 16.53 -15.43
N SER B 119 -21.66 16.45 -14.40
CA SER B 119 -20.49 17.28 -14.27
C SER B 119 -19.38 16.39 -13.76
N GLY B 120 -18.40 16.96 -13.06
CA GLY B 120 -17.33 16.16 -12.51
C GLY B 120 -16.22 17.01 -11.93
N ILE B 121 -15.43 16.39 -11.05
CA ILE B 121 -14.28 17.04 -10.45
C ILE B 121 -13.04 16.33 -10.96
N PHE B 122 -12.26 16.99 -11.81
CA PHE B 122 -11.02 16.43 -12.31
C PHE B 122 -9.87 16.77 -11.37
N LEU B 123 -9.40 15.74 -10.67
CA LEU B 123 -8.34 15.91 -9.67
C LEU B 123 -7.01 16.09 -10.39
N GLN B 124 -6.34 17.19 -10.06
CA GLN B 124 -5.14 17.67 -10.80
C GLN B 124 -5.39 17.79 -12.30
N GLY B 125 -6.66 17.96 -12.68
CA GLY B 125 -7.03 18.10 -14.08
C GLY B 125 -7.00 16.80 -14.89
N TYR B 127 -8.07 13.30 -13.40
CA TYR B 127 -8.80 12.14 -12.88
C TYR B 127 -10.20 12.53 -12.40
N GLU B 128 -11.22 12.17 -13.18
CA GLU B 128 -12.60 12.61 -12.87
C GLU B 128 -13.26 11.82 -11.77
N VAL B 129 -13.70 12.52 -10.73
CA VAL B 129 -14.71 12.02 -9.81
C VAL B 129 -16.05 12.44 -10.39
N GLN B 130 -16.84 11.45 -10.82
CA GLN B 130 -18.07 11.72 -11.56
C GLN B 130 -19.10 12.43 -10.70
N VAL B 131 -19.76 13.40 -11.31
CA VAL B 131 -20.95 14.03 -10.76
C VAL B 131 -22.09 13.76 -11.74
N LEU B 132 -23.20 13.27 -11.21
CA LEU B 132 -24.34 12.90 -12.04
C LEU B 132 -25.58 12.74 -11.17
N ASP B 133 -26.75 13.02 -11.74
CA ASP B 133 -27.98 12.73 -11.03
C ASP B 133 -28.33 11.25 -11.15
N CYS B 134 -27.98 10.46 -10.14
CA CYS B 134 -28.32 9.05 -10.11
C CYS B 134 -29.44 8.75 -9.12
N TYR B 135 -30.25 9.76 -8.82
CA TYR B 135 -31.47 9.57 -8.05
C TYR B 135 -32.56 9.05 -9.00
N ASN B 136 -32.86 7.75 -8.90
CA ASN B 136 -33.77 7.07 -9.83
C ASN B 136 -33.39 7.28 -11.29
N ASN B 137 -32.11 7.13 -11.59
CA ASN B 137 -31.59 7.23 -12.95
C ASN B 137 -30.47 6.23 -13.15
N PRO B 138 -30.79 5.05 -13.67
CA PRO B 138 -29.73 4.07 -13.90
C PRO B 138 -28.77 4.50 -15.02
N THR B 139 -27.53 4.02 -14.92
CA THR B 139 -26.52 4.24 -15.94
C THR B 139 -25.48 3.16 -15.78
N TYR B 140 -24.41 3.20 -16.56
CA TYR B 140 -23.35 2.21 -16.40
C TYR B 140 -22.65 2.47 -15.09
N VAL B 141 -22.45 1.41 -14.32
CA VAL B 141 -22.11 1.54 -12.89
C VAL B 141 -20.70 2.07 -12.67
N ASN B 142 -19.79 1.76 -13.59
CA ASN B 142 -18.43 2.27 -13.51
C ASN B 142 -18.33 3.74 -13.93
N GLY B 143 -19.45 4.33 -14.34
CA GLY B 143 -19.49 5.76 -14.66
C GLY B 143 -20.59 6.53 -13.94
N GLN B 144 -21.15 5.95 -12.87
CA GLN B 144 -22.20 6.63 -12.14
C GLN B 144 -21.60 7.56 -11.09
N THR B 145 -22.46 8.22 -10.33
CA THR B 145 -22.06 9.23 -9.35
C THR B 145 -21.00 8.72 -8.38
N GLY B 146 -19.92 9.46 -8.21
CA GLY B 146 -18.87 9.10 -7.28
C GLY B 146 -17.89 8.06 -7.79
N SER B 147 -18.07 7.60 -9.02
CA SER B 147 -17.11 6.72 -9.64
C SER B 147 -15.85 7.50 -9.90
N ILE B 148 -14.71 6.81 -9.93
CA ILE B 148 -13.55 7.31 -10.63
C ILE B 148 -13.83 6.88 -12.06
N TYR B 149 -14.15 7.86 -12.91
CA TYR B 149 -14.92 7.61 -14.13
C TYR B 149 -14.36 6.46 -14.98
N LYS B 150 -15.19 5.43 -15.13
CA LYS B 150 -14.92 4.22 -15.93
C LYS B 150 -13.72 3.38 -15.45
N GLN B 151 -13.33 3.57 -14.18
CA GLN B 151 -12.28 2.77 -13.59
C GLN B 151 -12.77 2.01 -12.36
N SER B 152 -13.36 2.75 -11.43
CA SER B 152 -13.72 2.23 -10.11
C SER B 152 -15.18 2.52 -9.79
N ILE B 153 -15.96 1.46 -9.64
CA ILE B 153 -17.36 1.53 -9.29
C ILE B 153 -17.49 2.02 -7.84
N PRO B 154 -18.39 2.99 -7.59
CA PRO B 154 -18.55 3.46 -6.22
C PRO B 154 -19.18 2.39 -5.32
N LEU B 155 -18.88 2.47 -4.03
CA LEU B 155 -19.36 1.47 -3.07
C LEU B 155 -20.86 1.57 -2.79
N ALA B 156 -21.48 2.70 -3.11
CA ALA B 156 -22.90 2.88 -2.91
C ALA B 156 -23.46 3.97 -3.82
N ASN B 157 -24.78 4.00 -3.90
CA ASN B 157 -25.50 5.13 -4.43
C ASN B 157 -26.10 5.89 -3.25
N ALA B 158 -25.52 7.05 -2.93
CA ALA B 158 -25.92 7.82 -1.75
C ALA B 158 -26.54 9.16 -2.15
N ARG B 160 -28.93 12.30 -2.81
CA ARG B 160 -30.10 13.04 -2.37
C ARG B 160 -30.86 13.51 -3.62
N PRO B 162 -33.24 15.74 -6.38
CA PRO B 162 -33.07 17.08 -6.94
C PRO B 162 -33.63 18.20 -6.05
N GLY B 163 -32.90 19.30 -5.95
CA GLY B 163 -33.26 20.38 -5.05
C GLY B 163 -32.42 20.35 -3.78
N GLU B 164 -32.00 19.16 -3.35
CA GLU B 164 -31.19 19.00 -2.14
C GLU B 164 -29.71 19.01 -2.52
N TRP B 165 -28.85 19.15 -1.52
CA TRP B 165 -27.42 19.31 -1.75
C TRP B 165 -26.66 18.03 -1.48
N ASN B 166 -25.91 17.57 -2.49
CA ASN B 166 -25.05 16.42 -2.35
C ASN B 166 -23.66 16.86 -1.94
N VAL B 167 -23.17 16.31 -0.83
CA VAL B 167 -21.94 16.75 -0.22
C VAL B 167 -20.80 15.79 -0.53
N TYR B 168 -19.74 16.30 -1.15
CA TYR B 168 -18.51 15.52 -1.34
C TYR B 168 -17.42 15.99 -0.38
N ASP B 169 -16.79 15.02 0.27
CA ASP B 169 -15.50 15.21 0.93
C ASP B 169 -14.51 14.26 0.27
N ILE B 170 -13.39 14.81 -0.17
CA ILE B 170 -12.43 14.09 -1.00
C ILE B 170 -11.03 14.22 -0.41
N ILE B 171 -10.36 13.09 -0.26
CA ILE B 171 -8.97 13.08 0.21
C ILE B 171 -8.13 12.45 -0.90
N TYR B 172 -7.12 13.19 -1.36
CA TYR B 172 -6.35 12.81 -2.55
C TYR B 172 -4.86 12.81 -2.30
N THR B 173 -4.20 11.74 -2.75
CA THR B 173 -2.76 11.62 -2.75
C THR B 173 -2.29 11.59 -4.20
N ALA B 174 -1.42 12.51 -4.57
CA ALA B 174 -0.94 12.65 -5.95
C ALA B 174 0.03 11.54 -6.29
N PRO B 175 0.15 11.20 -7.58
CA PRO B 175 1.11 10.19 -7.99
C PRO B 175 2.52 10.75 -8.03
N THR B 176 3.51 9.86 -8.10
CA THR B 176 4.85 10.23 -8.53
C THR B 176 5.16 9.50 -9.83
N PHE B 177 6.02 10.08 -10.67
CA PHE B 177 6.35 9.50 -11.96
C PHE B 177 7.83 9.18 -12.06
N LYS B 178 8.15 8.11 -12.77
CA LYS B 178 9.54 7.78 -13.09
C LYS B 178 10.04 8.65 -14.22
N GLU B 179 11.36 8.66 -14.40
CA GLU B 179 12.00 9.48 -15.44
CA GLU B 179 11.99 9.48 -15.44
C GLU B 179 11.45 9.13 -16.82
N ASP B 180 11.15 7.86 -17.06
CA ASP B 180 10.63 7.43 -18.36
C ASP B 180 9.14 7.76 -18.55
N GLY B 181 8.51 8.42 -17.58
CA GLY B 181 7.12 8.86 -17.74
C GLY B 181 6.06 7.92 -17.22
N SER B 182 6.45 6.70 -16.83
CA SER B 182 5.51 5.76 -16.21
C SER B 182 5.25 6.11 -14.75
N TYR B 183 4.19 5.56 -14.18
CA TYR B 183 3.88 5.76 -12.77
C TYR B 183 4.94 5.11 -11.87
N ARG B 184 5.43 5.86 -10.90
CA ARG B 184 6.24 5.32 -9.82
C ARG B 184 5.30 4.91 -8.68
N THR B 185 4.42 5.84 -8.29
CA THR B 185 3.31 5.55 -7.40
C THR B 185 2.04 6.10 -8.04
N HIS B 186 0.97 5.33 -7.95
CA HIS B 186 -0.32 5.76 -8.50
C HIS B 186 -1.01 6.72 -7.55
N PRO B 187 -1.93 7.54 -8.08
CA PRO B 187 -2.70 8.38 -7.18
C PRO B 187 -3.69 7.53 -6.40
N THR B 188 -4.05 7.99 -5.20
CA THR B 188 -5.11 7.35 -4.44
C THR B 188 -6.13 8.40 -4.01
N VAL B 189 -7.36 7.97 -3.82
CA VAL B 189 -8.44 8.89 -3.48
C VAL B 189 -9.50 8.21 -2.61
N THR B 190 -9.96 8.96 -1.60
CA THR B 190 -11.12 8.57 -0.83
C THR B 190 -12.22 9.61 -1.13
N VAL B 191 -13.44 9.12 -1.37
CA VAL B 191 -14.58 9.97 -1.70
C VAL B 191 -15.73 9.62 -0.76
N ILE B 192 -16.27 10.63 -0.11
CA ILE B 192 -17.40 10.47 0.80
C ILE B 192 -18.54 11.35 0.30
N GLN B 193 -19.71 10.76 0.07
CA GLN B 193 -20.87 11.50 -0.39
C GLN B 193 -21.99 11.46 0.64
N ASN B 194 -22.40 12.63 1.09
CA ASN B 194 -23.44 12.74 2.12
C ASN B 194 -23.14 11.83 3.31
N GLY B 195 -21.87 11.82 3.70
CA GLY B 195 -21.40 11.03 4.82
C GLY B 195 -21.13 9.56 4.54
N VAL B 196 -21.43 9.10 3.32
CA VAL B 196 -21.27 7.70 2.94
C VAL B 196 -20.02 7.52 2.10
N VAL B 197 -19.15 6.59 2.50
CA VAL B 197 -17.91 6.32 1.74
C VAL B 197 -18.24 5.65 0.42
N LEU B 198 -17.80 6.27 -0.67
CA LEU B 198 -18.04 5.77 -2.03
C LEU B 198 -16.75 5.22 -2.67
N GLN B 199 -15.62 5.83 -2.34
CA GLN B 199 -14.31 5.33 -2.73
C GLN B 199 -13.46 5.26 -1.48
N ASN B 200 -13.02 4.05 -1.15
CA ASN B 200 -12.23 3.82 0.05
C ASN B 200 -10.74 3.60 -0.29
N HIS B 201 -9.97 4.68 -0.29
CA HIS B 201 -8.56 4.63 -0.66
C HIS B 201 -8.36 3.89 -1.97
N THR B 202 -9.05 4.36 -3.00
CA THR B 202 -9.04 3.73 -4.31
C THR B 202 -7.81 4.15 -5.10
N THR B 203 -7.15 3.18 -5.72
CA THR B 203 -6.03 3.46 -6.60
C THR B 203 -6.53 3.91 -7.97
N ILE B 204 -6.00 5.01 -8.44
CA ILE B 204 -6.33 5.53 -9.77
C ILE B 204 -5.34 4.94 -10.76
N LEU B 205 -5.85 4.40 -11.87
CA LEU B 205 -5.04 3.64 -12.83
C LEU B 205 -4.39 4.50 -13.90
N GLY B 206 -4.90 5.71 -14.08
CA GLY B 206 -4.43 6.62 -15.12
C GLY B 206 -5.54 7.62 -15.41
N THR B 207 -5.39 8.39 -16.48
CA THR B 207 -6.43 9.34 -16.85
C THR B 207 -7.79 8.66 -16.99
N THR B 208 -8.85 9.36 -16.60
CA THR B 208 -10.20 8.85 -16.82
C THR B 208 -10.60 9.13 -18.26
N GLU B 209 -11.09 8.10 -18.95
CA GLU B 209 -11.32 8.18 -20.39
C GLU B 209 -12.68 7.64 -20.77
N TRP B 210 -13.39 8.38 -21.63
CA TRP B 210 -14.65 7.93 -22.19
C TRP B 210 -14.44 6.78 -23.16
N ILE B 211 -13.33 6.83 -23.88
CA ILE B 211 -12.99 5.80 -24.85
C ILE B 211 -11.62 5.20 -24.53
N GLY B 212 -11.57 3.88 -24.41
CA GLY B 212 -10.32 3.17 -24.26
C GLY B 212 -9.84 3.02 -22.82
N PHE B 213 -8.63 2.48 -22.68
CA PHE B 213 -8.03 2.24 -21.38
C PHE B 213 -7.49 3.53 -20.78
N PRO B 214 -7.41 3.61 -19.44
CA PRO B 214 -6.78 4.76 -18.82
C PRO B 214 -5.39 5.01 -19.39
N GLN B 215 -5.02 6.27 -19.55
CA GLN B 215 -3.72 6.62 -20.10
C GLN B 215 -2.74 7.08 -19.03
N VAL B 216 -1.47 6.72 -19.23
CA VAL B 216 -0.38 7.12 -18.35
C VAL B 216 0.29 8.35 -18.95
N HIS B 219 2.62 14.18 -15.25
CA HIS B 219 2.20 15.53 -14.90
C HIS B 219 2.72 15.85 -13.52
N GLY B 220 2.77 17.14 -13.21
CA GLY B 220 3.06 17.60 -11.86
C GLY B 220 1.78 18.07 -11.20
N ALA B 221 1.88 19.16 -10.46
CA ALA B 221 0.71 19.78 -9.82
C ALA B 221 -0.32 20.17 -10.87
N GLY B 222 -1.59 20.06 -10.53
CA GLY B 222 -2.66 20.42 -11.44
C GLY B 222 -3.83 21.08 -10.74
N PRO B 223 -4.63 21.84 -11.50
CA PRO B 223 -5.79 22.49 -10.92
C PRO B 223 -6.93 21.51 -10.68
N ILE B 224 -7.97 21.98 -9.99
CA ILE B 224 -9.23 21.27 -9.95
C ILE B 224 -10.04 21.79 -11.11
N ILE B 225 -10.49 20.90 -11.99
CA ILE B 225 -11.35 21.28 -13.11
C ILE B 225 -12.76 20.80 -12.86
N LEU B 226 -13.73 21.71 -13.00
CA LEU B 226 -15.14 21.35 -12.96
C LEU B 226 -15.70 21.24 -14.38
N GLN B 227 -16.37 20.13 -14.64
CA GLN B 227 -16.77 19.75 -15.99
C GLN B 227 -18.07 20.39 -16.44
N SER B 228 -18.03 20.98 -17.63
CA SER B 228 -19.22 21.36 -18.36
C SER B 228 -19.50 20.27 -19.39
N HIS B 229 -20.42 19.36 -19.07
CA HIS B 229 -20.74 18.25 -19.94
C HIS B 229 -21.84 18.69 -20.91
N GLY B 230 -21.54 18.69 -22.20
N GLY B 230 -21.54 18.69 -22.20
CA GLY B 230 -22.38 19.39 -23.19
CA GLY B 230 -22.38 19.39 -23.19
C GLY B 230 -23.69 18.76 -23.60
C GLY B 230 -23.69 18.76 -23.60
N ASP B 231 -24.23 17.85 -22.79
CA ASP B 231 -25.57 17.32 -23.02
C ASP B 231 -26.61 18.42 -22.71
N PRO B 232 -27.86 18.26 -23.18
CA PRO B 232 -28.84 19.34 -23.00
C PRO B 232 -29.49 19.47 -21.61
N SER B 233 -29.14 18.61 -20.65
CA SER B 233 -29.78 18.65 -19.33
C SER B 233 -29.53 19.99 -18.62
N GLU B 234 -30.52 20.39 -17.81
CA GLU B 234 -30.47 21.62 -17.03
C GLU B 234 -29.23 21.64 -16.14
N PRO B 235 -28.55 22.80 -16.04
CA PRO B 235 -27.23 22.81 -15.40
C PRO B 235 -27.27 22.62 -13.89
N ILE B 236 -26.27 21.97 -13.33
CA ILE B 236 -26.22 21.80 -11.87
C ILE B 236 -25.59 23.04 -11.22
N SER B 237 -25.81 23.19 -9.92
CA SER B 237 -25.25 24.29 -9.17
C SER B 237 -24.29 23.80 -8.09
N PHE B 238 -23.35 24.65 -7.71
CA PHE B 238 -22.33 24.35 -6.74
C PHE B 238 -22.32 25.35 -5.59
N ARG B 239 -21.86 24.92 -4.42
CA ARG B 239 -21.62 25.82 -3.29
C ARG B 239 -20.58 25.23 -2.35
N ASN B 240 -20.11 26.07 -1.42
CA ASN B 240 -19.22 25.65 -0.33
C ASN B 240 -18.06 24.76 -0.81
N ILE B 241 -17.16 25.37 -1.58
CA ILE B 241 -16.00 24.66 -2.09
C ILE B 241 -14.77 25.16 -1.37
N TRP B 242 -14.05 24.24 -0.72
CA TRP B 242 -12.76 24.59 -0.13
C TRP B 242 -11.77 23.45 -0.28
N ILE B 243 -10.50 23.79 -0.14
CA ILE B 243 -9.41 22.86 -0.37
C ILE B 243 -8.31 23.19 0.60
N ARG B 244 -7.71 22.16 1.19
CA ARG B 244 -6.53 22.38 2.01
C ARG B 244 -5.45 21.38 1.62
N GLU B 245 -4.24 21.89 1.53
CA GLU B 245 -3.12 21.11 1.03
C GLU B 245 -2.64 20.20 2.13
N LEU B 246 -2.24 18.99 1.76
CA LEU B 246 -1.74 18.00 2.69
C LEU B 246 -0.28 17.70 2.34
N GLU C 8 -13.90 -23.64 -36.54
CA GLU C 8 -14.02 -22.21 -36.30
C GLU C 8 -14.36 -21.49 -37.60
N PHE C 9 -15.11 -20.39 -37.50
CA PHE C 9 -15.44 -19.59 -38.70
C PHE C 9 -15.37 -18.07 -38.49
N PRO C 12 -13.28 -14.68 -32.18
CA PRO C 12 -14.13 -14.39 -31.03
C PRO C 12 -14.02 -12.94 -30.57
N THR C 13 -15.13 -12.43 -30.01
CA THR C 13 -15.15 -11.10 -29.42
C THR C 13 -15.74 -11.19 -28.01
N GLY C 14 -15.46 -10.18 -27.20
CA GLY C 14 -15.87 -10.17 -25.80
C GLY C 14 -17.03 -9.23 -25.55
N TYR C 15 -17.12 -8.73 -24.33
CA TYR C 15 -18.20 -7.85 -23.92
C TYR C 15 -18.31 -6.63 -24.83
N ALA C 16 -19.52 -6.43 -25.36
CA ALA C 16 -19.83 -5.33 -26.29
C ALA C 16 -18.91 -5.31 -27.52
N GLY C 17 -18.41 -6.49 -27.91
CA GLY C 17 -17.67 -6.64 -29.15
C GLY C 17 -16.18 -6.34 -29.07
N ILE C 18 -15.64 -6.20 -27.86
CA ILE C 18 -14.23 -5.91 -27.70
C ILE C 18 -13.40 -7.04 -28.31
N THR C 19 -12.31 -6.67 -28.99
CA THR C 19 -11.43 -7.60 -29.68
C THR C 19 -10.10 -7.70 -28.95
N HIS C 20 -9.36 -8.79 -29.18
CA HIS C 20 -8.11 -9.01 -28.48
C HIS C 20 -7.07 -7.91 -28.79
N GLU C 21 -7.12 -7.36 -30.00
CA GLU C 21 -6.19 -6.31 -30.44
C GLU C 21 -6.31 -5.04 -29.59
N SER C 23 -6.51 -4.63 -26.55
CA SER C 23 -5.72 -4.69 -25.33
C SER C 23 -4.28 -5.12 -25.60
N GLU C 24 -3.78 -4.81 -26.80
CA GLU C 24 -2.41 -5.15 -27.20
C GLU C 24 -1.64 -3.88 -27.56
N PHE C 25 -0.69 -3.51 -26.70
CA PHE C 25 0.05 -2.25 -26.82
C PHE C 25 1.50 -2.51 -27.14
N TYR C 26 2.12 -1.60 -27.89
CA TYR C 26 3.49 -1.80 -28.40
C TYR C 26 4.49 -0.77 -27.85
N GLU C 27 4.03 0.01 -26.89
CA GLU C 27 4.85 0.97 -26.17
C GLU C 27 4.26 1.16 -24.77
N PRO C 28 5.08 1.55 -23.78
CA PRO C 28 6.52 1.74 -23.85
C PRO C 28 7.26 0.40 -23.91
N VAL C 29 8.33 0.35 -24.71
CA VAL C 29 9.12 -0.85 -24.89
C VAL C 29 10.08 -1.02 -23.72
N PRO C 30 10.00 -2.16 -23.01
CA PRO C 30 10.97 -2.39 -21.93
C PRO C 30 12.40 -2.49 -22.44
N PRO C 31 13.37 -1.90 -21.73
CA PRO C 31 14.76 -1.96 -22.19
C PRO C 31 15.30 -3.38 -22.18
N VAL C 32 16.12 -3.71 -23.17
CA VAL C 32 16.79 -5.00 -23.23
C VAL C 32 18.01 -4.97 -22.32
N VAL C 33 18.06 -5.93 -21.40
CA VAL C 33 19.16 -6.08 -20.47
C VAL C 33 19.74 -7.47 -20.64
N THR C 34 21.06 -7.56 -20.78
CA THR C 34 21.73 -8.84 -20.78
C THR C 34 22.02 -9.20 -19.34
N PRO C 35 21.37 -10.25 -18.82
CA PRO C 35 21.57 -10.59 -17.41
C PRO C 35 22.95 -11.18 -17.17
N GLY C 36 23.40 -11.19 -15.92
CA GLY C 36 24.66 -11.81 -15.55
C GLY C 36 24.54 -13.33 -15.49
N THR C 37 25.58 -13.98 -15.00
CA THR C 37 25.63 -15.43 -14.85
C THR C 37 25.61 -15.80 -13.37
N ASP C 38 25.60 -17.10 -13.10
CA ASP C 38 25.59 -17.60 -11.72
C ASP C 38 27.02 -17.76 -11.23
N LEU C 39 27.29 -17.19 -10.06
CA LEU C 39 28.58 -17.33 -9.41
C LEU C 39 28.57 -18.55 -8.49
N GLY C 41 28.64 -21.04 -5.70
CA GLY C 41 28.41 -20.81 -4.27
C GLY C 41 27.69 -19.51 -3.94
N GLY C 42 27.25 -18.78 -4.96
CA GLY C 42 26.61 -17.47 -4.77
C GLY C 42 25.35 -17.33 -5.59
N GLY C 43 25.14 -16.13 -6.13
CA GLY C 43 23.98 -15.82 -6.94
C GLY C 43 24.36 -15.17 -8.25
N PHE C 44 23.48 -14.30 -8.74
CA PHE C 44 23.67 -13.67 -10.04
C PHE C 44 24.75 -12.60 -10.02
N THR C 45 25.58 -12.59 -11.05
CA THR C 45 26.51 -11.48 -11.28
C THR C 45 25.75 -10.33 -11.95
N ALA C 46 26.45 -9.21 -12.18
CA ALA C 46 25.79 -7.97 -12.59
C ALA C 46 25.19 -8.05 -14.00
N PRO C 47 23.93 -7.62 -14.15
CA PRO C 47 23.36 -7.46 -15.49
C PRO C 47 23.97 -6.26 -16.20
N SER C 48 23.73 -6.15 -17.51
CA SER C 48 24.44 -5.19 -18.36
C SER C 48 24.18 -3.72 -18.00
N ASP C 49 23.02 -3.43 -17.42
CA ASP C 49 22.69 -2.06 -17.02
C ASP C 49 22.98 -1.75 -15.55
N ALA C 50 23.61 -2.69 -14.84
CA ALA C 50 23.90 -2.49 -13.42
C ALA C 50 25.22 -1.74 -13.24
N ILE C 51 25.31 -1.00 -12.15
CA ILE C 51 26.58 -0.43 -11.70
C ILE C 51 27.31 -1.50 -10.89
N VAL C 52 28.53 -1.85 -11.31
CA VAL C 52 29.33 -2.83 -10.59
C VAL C 52 30.06 -2.14 -9.45
N LEU C 53 29.63 -2.40 -8.22
CA LEU C 53 30.27 -1.80 -7.05
C LEU C 53 31.50 -2.59 -6.58
N PHE C 54 31.49 -3.90 -6.81
CA PHE C 54 32.66 -4.73 -6.60
C PHE C 54 32.55 -6.03 -7.35
N ASP C 55 33.57 -6.37 -8.13
CA ASP C 55 33.64 -7.68 -8.76
C ASP C 55 35.05 -8.29 -8.68
N GLY C 56 35.82 -7.88 -7.68
CA GLY C 56 37.09 -8.52 -7.37
C GLY C 56 38.33 -7.69 -7.53
N ASP C 58 38.92 -3.86 -7.15
CA ASP C 58 39.26 -2.77 -6.25
C ASP C 58 38.01 -2.14 -5.64
N LEU C 59 38.20 -1.15 -4.79
CA LEU C 59 37.12 -0.41 -4.16
C LEU C 59 37.01 1.04 -4.70
N SER C 60 37.30 1.21 -5.99
CA SER C 60 37.27 2.54 -6.61
C SER C 60 35.87 3.16 -6.65
N ALA C 61 34.82 2.34 -6.52
CA ALA C 61 33.46 2.85 -6.42
C ALA C 61 33.09 3.30 -5.01
N TRP C 62 34.02 3.15 -4.05
CA TRP C 62 33.75 3.41 -2.65
C TRP C 62 34.67 4.47 -2.08
N GLU C 63 34.30 4.99 -0.92
CA GLU C 63 35.11 5.94 -0.18
C GLU C 63 34.90 5.69 1.30
N SER C 64 35.87 6.13 2.11
CA SER C 64 35.66 6.14 3.56
C SER C 64 34.59 7.15 3.91
N VAL C 65 33.77 6.85 4.91
CA VAL C 65 32.81 7.83 5.43
C VAL C 65 33.54 9.04 6.04
N GLY C 67 35.97 10.43 4.58
CA GLY C 67 36.59 11.09 3.43
C GLY C 67 37.83 10.33 2.98
N GLY C 68 38.10 10.36 1.69
CA GLY C 68 39.24 9.67 1.11
C GLY C 68 38.93 8.24 0.70
N ALA C 69 39.96 7.51 0.30
CA ALA C 69 39.83 6.17 -0.23
C ALA C 69 39.21 5.19 0.77
N ALA C 70 38.48 4.20 0.25
CA ALA C 70 37.96 3.13 1.07
C ALA C 70 39.11 2.16 1.33
N GLU C 71 39.53 2.03 2.59
CA GLU C 71 40.72 1.27 2.92
C GLU C 71 40.38 -0.05 3.60
N TRP C 72 39.40 -0.76 3.05
CA TRP C 72 39.20 -2.17 3.40
C TRP C 72 40.09 -3.00 2.47
N ASP C 73 40.34 -4.24 2.84
CA ASP C 73 41.41 -5.02 2.21
C ASP C 73 40.91 -5.91 1.08
N VAL C 74 41.40 -5.63 -0.13
CA VAL C 74 41.02 -6.36 -1.34
C VAL C 74 42.02 -7.46 -1.61
N HIS C 75 41.54 -8.70 -1.77
CA HIS C 75 42.40 -9.87 -1.97
C HIS C 75 41.57 -11.03 -2.45
N ASP C 76 42.14 -11.87 -3.30
CA ASP C 76 41.51 -13.12 -3.72
C ASP C 76 40.09 -12.95 -4.24
N GLY C 77 39.82 -11.83 -4.89
CA GLY C 77 38.50 -11.57 -5.46
C GLY C 77 37.44 -11.16 -4.46
N VAL C 78 37.83 -10.90 -3.22
CA VAL C 78 36.90 -10.45 -2.18
C VAL C 78 37.48 -9.21 -1.54
N PHE C 79 36.70 -8.53 -0.71
CA PHE C 79 37.27 -7.53 0.19
C PHE C 79 36.82 -7.77 1.62
N THR C 80 37.70 -7.44 2.55
CA THR C 80 37.53 -7.79 3.94
C THR C 80 37.52 -6.52 4.78
N VAL C 81 36.58 -6.46 5.72
CA VAL C 81 36.44 -5.33 6.62
C VAL C 81 37.73 -5.11 7.41
N ASN C 82 38.18 -3.86 7.48
CA ASN C 82 39.24 -3.47 8.39
C ASN C 82 38.62 -2.56 9.44
N LYS C 83 38.40 -3.10 10.63
CA LYS C 83 37.66 -2.39 11.67
C LYS C 83 38.39 -1.15 12.18
N GLY C 86 37.02 1.92 9.83
CA GLY C 86 35.64 2.41 9.93
C GLY C 86 34.79 2.11 8.69
N ASP C 87 33.59 2.69 8.63
CA ASP C 87 32.62 2.39 7.56
C ASP C 87 33.10 2.90 6.21
N ILE C 88 32.70 2.21 5.15
CA ILE C 88 32.90 2.69 3.79
C ILE C 88 31.54 2.85 3.12
N GLN C 89 31.47 3.69 2.10
CA GLN C 89 30.22 3.95 1.41
C GLN C 89 30.45 4.16 -0.08
N THR C 90 29.40 3.97 -0.86
CA THR C 90 29.47 4.22 -2.30
C THR C 90 29.67 5.70 -2.56
N GLN C 92 28.63 7.05 -5.21
CA GLN C 92 27.37 7.41 -5.82
C GLN C 92 26.21 7.31 -4.83
N PHE C 94 21.86 7.04 -4.26
CA PHE C 94 20.76 6.31 -4.89
C PHE C 94 19.40 6.64 -4.28
N ASN C 95 18.35 6.38 -5.06
CA ASN C 95 16.98 6.47 -4.58
C ASN C 95 16.31 5.09 -4.59
N ASP C 96 15.58 4.75 -5.67
CA ASP C 96 15.01 3.43 -5.80
C ASP C 96 16.03 2.55 -6.48
N PHE C 97 16.19 1.32 -5.99
CA PHE C 97 17.17 0.43 -6.58
C PHE C 97 16.94 -1.03 -6.25
N GLN C 98 17.58 -1.87 -7.07
CA GLN C 98 17.75 -3.27 -6.79
C GLN C 98 19.25 -3.49 -6.57
N HIS C 100 22.54 -6.34 -5.20
CA HIS C 100 23.04 -7.68 -4.92
C HIS C 100 24.33 -7.57 -4.12
N ILE C 101 24.48 -8.42 -3.10
CA ILE C 101 25.68 -8.41 -2.26
C ILE C 101 25.83 -9.76 -1.57
N GLU C 102 27.06 -10.28 -1.60
CA GLU C 102 27.37 -11.56 -0.99
C GLU C 102 28.40 -11.36 0.10
N TRP C 103 28.26 -12.10 1.19
CA TRP C 103 29.14 -11.93 2.35
C TRP C 103 29.45 -13.26 3.04
N GLN C 104 30.66 -13.34 3.56
CA GLN C 104 31.20 -14.57 4.13
C GLN C 104 31.67 -14.35 5.54
N VAL C 105 31.13 -15.15 6.47
CA VAL C 105 31.65 -15.20 7.82
C VAL C 105 32.87 -16.12 7.78
N PRO C 106 34.02 -15.67 8.30
CA PRO C 106 35.22 -16.50 8.19
C PRO C 106 35.12 -17.76 9.05
N THR C 107 35.79 -18.83 8.64
CA THR C 107 35.68 -20.12 9.32
C THR C 107 36.20 -20.07 10.76
N ASN C 108 37.10 -19.12 11.05
CA ASN C 108 37.65 -18.96 12.40
C ASN C 108 36.92 -17.89 13.24
N ILE C 109 35.68 -17.58 12.85
CA ILE C 109 34.84 -16.62 13.57
C ILE C 109 34.70 -16.96 15.05
N THR C 110 34.68 -15.93 15.89
CA THR C 110 34.37 -16.07 17.30
C THR C 110 33.38 -14.99 17.69
N GLY C 111 32.81 -15.12 18.88
CA GLY C 111 31.90 -14.11 19.43
C GLY C 111 30.47 -14.61 19.56
N GLU C 112 29.66 -13.82 20.25
CA GLU C 112 28.27 -14.17 20.51
C GLU C 112 27.34 -13.01 20.24
N SER C 113 26.08 -13.35 19.98
CA SER C 113 25.01 -12.39 19.78
C SER C 113 25.43 -11.34 18.75
N GLN C 114 25.30 -10.05 19.09
CA GLN C 114 25.62 -8.96 18.16
C GLN C 114 27.12 -8.78 17.90
N SER C 115 27.97 -9.50 18.62
CA SER C 115 29.43 -9.37 18.47
C SER C 115 30.05 -10.52 17.70
N ARG C 116 29.33 -11.06 16.72
CA ARG C 116 29.82 -12.19 15.94
C ARG C 116 29.53 -11.98 14.46
N GLY C 117 30.49 -11.40 13.75
CA GLY C 117 30.35 -11.16 12.33
C GLY C 117 29.32 -10.07 12.00
N ASN C 118 29.28 -9.03 12.83
CA ASN C 118 28.34 -7.94 12.65
C ASN C 118 28.83 -6.95 11.61
N SER C 119 28.02 -6.77 10.56
CA SER C 119 28.18 -5.65 9.63
C SER C 119 26.77 -5.18 9.31
N GLY C 120 26.58 -4.59 8.13
CA GLY C 120 25.25 -4.16 7.73
C GLY C 120 25.27 -3.32 6.50
N ILE C 121 24.12 -3.26 5.82
CA ILE C 121 23.95 -2.47 4.62
C ILE C 121 22.97 -1.34 4.94
N PHE C 122 23.46 -0.12 5.03
CA PHE C 122 22.61 1.04 5.29
C PHE C 122 22.08 1.60 3.99
N LEU C 123 20.79 1.39 3.76
CA LEU C 123 20.11 1.81 2.54
C LEU C 123 19.92 3.32 2.55
N GLN C 124 20.42 3.99 1.51
CA GLN C 124 20.54 5.46 1.46
C GLN C 124 21.26 6.03 2.68
N GLY C 125 22.09 5.22 3.32
CA GLY C 125 22.84 5.64 4.52
C GLY C 125 22.01 5.76 5.79
N TYR C 127 19.06 3.29 6.70
CA TYR C 127 18.25 2.15 7.12
C TYR C 127 19.03 0.84 7.02
N GLU C 128 19.44 0.29 8.16
CA GLU C 128 20.33 -0.88 8.17
C GLU C 128 19.59 -2.19 7.92
N VAL C 129 20.03 -2.91 6.89
CA VAL C 129 19.75 -4.33 6.75
C VAL C 129 20.87 -5.06 7.46
N GLN C 130 20.54 -5.73 8.56
CA GLN C 130 21.55 -6.32 9.43
C GLN C 130 22.32 -7.45 8.74
N VAL C 131 23.63 -7.46 8.95
CA VAL C 131 24.48 -8.57 8.60
C VAL C 131 25.10 -9.10 9.90
N LEU C 132 25.02 -10.41 10.10
CA LEU C 132 25.47 -11.03 11.35
C LEU C 132 25.59 -12.53 11.14
N ASP C 133 26.53 -13.16 11.85
CA ASP C 133 26.58 -14.62 11.84
C ASP C 133 25.55 -15.18 12.81
N CYS C 134 24.41 -15.59 12.26
CA CYS C 134 23.37 -16.21 13.07
C CYS C 134 23.27 -17.73 12.82
N TYR C 135 24.37 -18.32 12.34
CA TYR C 135 24.47 -19.76 12.25
C TYR C 135 24.84 -20.30 13.62
N ASN C 136 23.85 -20.91 14.29
CA ASN C 136 24.00 -21.38 15.68
C ASN C 136 24.51 -20.27 16.61
N ASN C 137 23.92 -19.08 16.49
CA ASN C 137 24.24 -17.96 17.36
C ASN C 137 22.98 -17.16 17.63
N PRO C 138 22.32 -17.45 18.77
CA PRO C 138 21.11 -16.67 19.08
C PRO C 138 21.42 -15.21 19.44
N THR C 139 20.46 -14.34 19.17
CA THR C 139 20.53 -12.94 19.53
C THR C 139 19.11 -12.40 19.60
N TYR C 140 18.95 -11.10 19.83
CA TYR C 140 17.59 -10.52 19.83
C TYR C 140 17.06 -10.55 18.40
N VAL C 141 15.83 -11.03 18.25
CA VAL C 141 15.32 -11.43 16.94
C VAL C 141 15.06 -10.24 16.03
N ASN C 142 14.71 -9.10 16.61
CA ASN C 142 14.50 -7.88 15.82
C ASN C 142 15.82 -7.24 15.37
N GLY C 143 16.95 -7.82 15.80
CA GLY C 143 18.26 -7.36 15.34
C GLY C 143 19.14 -8.46 14.77
N GLN C 144 18.56 -9.59 14.40
CA GLN C 144 19.34 -10.68 13.82
C GLN C 144 19.48 -10.49 12.31
N THR C 145 20.16 -11.44 11.66
CA THR C 145 20.51 -11.33 10.26
C THR C 145 19.28 -11.07 9.39
N GLY C 146 19.38 -10.08 8.51
CA GLY C 146 18.29 -9.76 7.59
C GLY C 146 17.15 -8.95 8.18
N SER C 147 17.27 -8.60 9.46
CA SER C 147 16.32 -7.69 10.07
C SER C 147 16.52 -6.31 9.45
N ILE C 148 15.44 -5.53 9.43
CA ILE C 148 15.58 -4.08 9.35
C ILE C 148 15.83 -3.69 10.79
N TYR C 149 17.07 -3.31 11.09
CA TYR C 149 17.61 -3.39 12.44
C TYR C 149 16.70 -2.77 13.51
N LYS C 150 16.24 -3.64 14.42
CA LYS C 150 15.39 -3.29 15.57
C LYS C 150 13.99 -2.75 15.21
N GLN C 151 13.55 -3.01 13.97
CA GLN C 151 12.21 -2.62 13.54
C GLN C 151 11.40 -3.83 13.11
N SER C 152 11.97 -4.62 12.20
CA SER C 152 11.25 -5.71 11.54
C SER C 152 12.04 -7.00 11.61
N ILE C 153 11.44 -7.98 12.30
CA ILE C 153 12.01 -9.31 12.47
C ILE C 153 11.98 -10.03 11.12
N PRO C 154 13.10 -10.67 10.74
CA PRO C 154 13.11 -11.37 9.47
C PRO C 154 12.20 -12.60 9.50
N LEU C 155 11.69 -12.98 8.34
CA LEU C 155 10.74 -14.09 8.24
C LEU C 155 11.39 -15.45 8.49
N ALA C 156 12.71 -15.52 8.39
CA ALA C 156 13.41 -16.77 8.63
C ALA C 156 14.87 -16.53 9.00
N ASN C 157 15.51 -17.58 9.48
CA ASN C 157 16.95 -17.66 9.58
C ASN C 157 17.45 -18.56 8.47
N ALA C 158 18.04 -17.97 7.43
CA ALA C 158 18.46 -18.72 6.24
C ALA C 158 19.98 -18.73 6.08
N ARG C 160 23.88 -19.62 5.87
CA ARG C 160 24.86 -20.64 5.52
C ARG C 160 25.99 -20.55 6.52
N PRO C 162 29.82 -20.65 8.41
CA PRO C 162 31.04 -19.90 8.13
C PRO C 162 31.89 -20.55 7.03
N GLY C 163 32.46 -19.72 6.15
CA GLY C 163 33.22 -20.21 5.02
C GLY C 163 32.41 -20.14 3.75
N GLU C 164 31.09 -20.31 3.86
CA GLU C 164 30.20 -20.25 2.71
C GLU C 164 29.67 -18.84 2.53
N TRP C 165 29.09 -18.58 1.37
CA TRP C 165 28.69 -17.22 0.99
C TRP C 165 27.19 -17.03 1.16
N ASN C 166 26.82 -16.01 1.92
CA ASN C 166 25.42 -15.64 2.10
C ASN C 166 25.03 -14.59 1.09
N VAL C 167 23.99 -14.87 0.32
CA VAL C 167 23.62 -14.05 -0.82
C VAL C 167 22.43 -13.18 -0.49
N TYR C 168 22.59 -11.87 -0.60
CA TYR C 168 21.48 -10.93 -0.46
C TYR C 168 21.05 -10.40 -1.82
N ASP C 169 19.74 -10.42 -2.05
CA ASP C 169 19.12 -9.65 -3.13
C ASP C 169 18.12 -8.72 -2.47
N ILE C 170 18.22 -7.42 -2.78
CA ILE C 170 17.50 -6.38 -2.08
C ILE C 170 16.79 -5.48 -3.08
N ILE C 171 15.50 -5.25 -2.87
CA ILE C 171 14.72 -4.35 -3.70
C ILE C 171 14.19 -3.24 -2.80
N TYR C 172 14.51 -2.00 -3.13
CA TYR C 172 14.28 -0.86 -2.26
C TYR C 172 13.54 0.26 -2.98
N THR C 173 12.51 0.77 -2.31
CA THR C 173 11.78 1.94 -2.75
C THR C 173 12.04 3.05 -1.73
N ALA C 174 12.55 4.18 -2.20
CA ALA C 174 12.90 5.30 -1.34
C ALA C 174 11.65 6.02 -0.85
N PRO C 175 11.74 6.70 0.31
CA PRO C 175 10.61 7.44 0.82
C PRO C 175 10.47 8.77 0.10
N THR C 176 9.31 9.41 0.26
CA THR C 176 9.15 10.82 -0.05
C THR C 176 8.83 11.56 1.25
N PHE C 177 9.19 12.83 1.32
CA PHE C 177 9.01 13.61 2.53
C PHE C 177 8.11 14.82 2.28
N LYS C 178 7.32 15.18 3.28
CA LYS C 178 6.51 16.38 3.22
C LYS C 178 7.40 17.59 3.53
N GLU C 179 6.88 18.77 3.22
CA GLU C 179 7.55 20.05 3.48
C GLU C 179 8.02 20.19 4.93
N ASP C 180 7.17 19.73 5.84
CA ASP C 180 7.48 19.86 7.25
C ASP C 180 8.47 18.79 7.74
N GLY C 181 8.99 17.96 6.85
CA GLY C 181 10.04 17.00 7.21
C GLY C 181 9.55 15.62 7.60
N SER C 182 8.24 15.45 7.77
CA SER C 182 7.66 14.15 8.07
C SER C 182 7.57 13.29 6.81
N TYR C 183 7.39 11.99 7.00
CA TYR C 183 7.26 11.07 5.87
C TYR C 183 5.97 11.33 5.14
N ARG C 184 6.05 11.43 3.82
CA ARG C 184 4.88 11.41 2.96
C ARG C 184 4.60 9.95 2.58
N THR C 185 5.62 9.27 2.09
CA THR C 185 5.58 7.82 1.91
C THR C 185 6.80 7.22 2.56
N HIS C 186 6.61 6.11 3.25
CA HIS C 186 7.71 5.44 3.92
C HIS C 186 8.51 4.64 2.92
N PRO C 187 9.78 4.33 3.25
CA PRO C 187 10.53 3.45 2.37
C PRO C 187 10.00 2.03 2.51
N THR C 188 10.13 1.24 1.46
CA THR C 188 9.82 -0.18 1.53
C THR C 188 11.00 -0.98 1.03
N VAL C 189 11.13 -2.22 1.51
CA VAL C 189 12.25 -3.07 1.16
C VAL C 189 11.86 -4.54 1.15
N THR C 190 12.35 -5.25 0.13
CA THR C 190 12.28 -6.70 0.09
C THR C 190 13.71 -7.21 0.19
N VAL C 191 13.92 -8.21 1.04
CA VAL C 191 15.24 -8.80 1.25
C VAL C 191 15.15 -10.32 1.09
N ILE C 192 16.01 -10.86 0.25
CA ILE C 192 16.07 -12.29 -0.02
C ILE C 192 17.46 -12.79 0.32
N GLN C 193 17.57 -13.77 1.21
CA GLN C 193 18.86 -14.34 1.60
C GLN C 193 18.97 -15.79 1.19
N ASN C 194 19.98 -16.09 0.38
CA ASN C 194 20.17 -17.44 -0.15
C ASN C 194 18.88 -18.00 -0.75
N GLY C 195 18.18 -17.14 -1.49
CA GLY C 195 16.93 -17.52 -2.14
C GLY C 195 15.70 -17.51 -1.26
N VAL C 196 15.86 -17.25 0.04
CA VAL C 196 14.75 -17.24 0.99
C VAL C 196 14.33 -15.81 1.32
N VAL C 197 13.04 -15.51 1.17
CA VAL C 197 12.52 -14.17 1.49
C VAL C 197 12.55 -13.94 2.99
N LEU C 198 13.25 -12.88 3.41
CA LEU C 198 13.39 -12.51 4.81
C LEU C 198 12.57 -11.25 5.15
N GLN C 199 12.48 -10.33 4.20
CA GLN C 199 11.61 -9.17 4.32
C GLN C 199 10.75 -9.12 3.07
N ASN C 200 9.44 -9.20 3.26
CA ASN C 200 8.49 -9.19 2.15
C ASN C 200 7.79 -7.83 2.03
N HIS C 201 8.34 -6.94 1.22
CA HIS C 201 7.81 -5.60 1.06
C HIS C 201 7.53 -4.96 2.41
N THR C 202 8.58 -4.88 3.23
CA THR C 202 8.50 -4.38 4.59
C THR C 202 8.57 -2.86 4.59
N THR C 203 7.69 -2.23 5.34
CA THR C 203 7.71 -0.78 5.51
C THR C 203 8.75 -0.40 6.54
N ILE C 204 9.61 0.55 6.19
CA ILE C 204 10.62 1.06 7.10
C ILE C 204 10.03 2.25 7.84
N LEU C 205 10.18 2.24 9.16
CA LEU C 205 9.50 3.22 10.03
C LEU C 205 10.27 4.50 10.23
N GLY C 206 11.57 4.46 9.94
CA GLY C 206 12.46 5.58 10.17
C GLY C 206 13.87 5.05 10.27
N THR C 207 14.81 5.89 10.69
CA THR C 207 16.20 5.46 10.87
C THR C 207 16.28 4.23 11.78
N THR C 208 17.19 3.32 11.47
CA THR C 208 17.44 2.19 12.35
C THR C 208 18.31 2.68 13.50
N GLU C 209 17.91 2.37 14.72
CA GLU C 209 18.55 2.92 15.91
C GLU C 209 18.83 1.84 16.95
N TRP C 210 20.05 1.86 17.50
CA TRP C 210 20.43 0.98 18.60
C TRP C 210 19.69 1.37 19.87
N ILE C 211 19.46 2.67 20.05
CA ILE C 211 18.78 3.19 21.23
C ILE C 211 17.57 4.01 20.81
N GLY C 212 16.40 3.68 21.36
CA GLY C 212 15.21 4.47 21.16
C GLY C 212 14.41 4.13 19.92
N PHE C 213 13.38 4.95 19.68
CA PHE C 213 12.47 4.75 18.56
C PHE C 213 13.11 5.19 17.26
N PRO C 214 12.67 4.60 16.12
CA PRO C 214 13.18 5.06 14.84
C PRO C 214 12.96 6.57 14.68
N GLN C 215 13.90 7.26 14.04
CA GLN C 215 13.78 8.70 13.88
CA GLN C 215 13.80 8.70 13.88
C GLN C 215 13.38 9.07 12.46
N VAL C 216 12.58 10.13 12.36
CA VAL C 216 12.14 10.68 11.09
C VAL C 216 13.04 11.85 10.72
N HIS C 219 15.65 13.30 4.10
CA HIS C 219 16.84 13.12 3.28
C HIS C 219 16.43 12.92 1.83
N GLY C 220 17.39 13.12 0.93
CA GLY C 220 17.21 12.77 -0.48
C GLY C 220 17.96 11.50 -0.78
N ALA C 221 18.59 11.46 -1.95
CA ALA C 221 19.41 10.32 -2.36
C ALA C 221 20.56 10.10 -1.38
N GLY C 222 20.90 8.84 -1.14
CA GLY C 222 21.97 8.49 -0.24
C GLY C 222 22.81 7.33 -0.72
N PRO C 223 24.04 7.21 -0.21
CA PRO C 223 24.91 6.12 -0.61
C PRO C 223 24.51 4.82 0.07
N ILE C 224 25.13 3.73 -0.35
CA ILE C 224 25.09 2.49 0.38
C ILE C 224 26.27 2.53 1.34
N ILE C 225 26.02 2.37 2.63
CA ILE C 225 27.08 2.32 3.63
C ILE C 225 27.21 0.90 4.16
N LEU C 226 28.44 0.39 4.16
CA LEU C 226 28.75 -0.90 4.76
C LEU C 226 29.37 -0.67 6.13
N GLN C 227 28.83 -1.37 7.12
CA GLN C 227 29.16 -1.10 8.52
C GLN C 227 30.42 -1.83 8.99
N SER C 228 31.31 -1.07 9.63
CA SER C 228 32.40 -1.61 10.42
C SER C 228 31.98 -1.59 11.89
N HIS C 229 31.52 -2.73 12.38
CA HIS C 229 31.04 -2.85 13.76
C HIS C 229 32.22 -3.18 14.66
N GLY C 230 32.56 -2.28 15.58
CA GLY C 230 33.84 -2.34 16.28
C GLY C 230 34.06 -3.40 17.37
N ASP C 231 33.25 -4.45 17.38
CA ASP C 231 33.47 -5.57 18.29
C ASP C 231 34.72 -6.34 17.83
N PRO C 232 35.27 -7.19 18.71
CA PRO C 232 36.55 -7.86 18.37
C PRO C 232 36.45 -9.06 17.41
N SER C 233 35.26 -9.44 16.96
CA SER C 233 35.13 -10.63 16.10
C SER C 233 35.89 -10.46 14.79
N GLU C 234 36.38 -11.58 14.28
CA GLU C 234 37.12 -11.64 13.03
C GLU C 234 36.28 -11.03 11.90
N PRO C 235 36.90 -10.25 10.99
CA PRO C 235 36.13 -9.45 10.04
C PRO C 235 35.48 -10.29 8.96
N ILE C 236 34.29 -9.88 8.50
CA ILE C 236 33.65 -10.59 7.42
C ILE C 236 34.18 -10.11 6.06
N SER C 237 33.95 -10.90 5.03
CA SER C 237 34.37 -10.54 3.68
C SER C 237 33.18 -10.39 2.74
N PHE C 238 33.35 -9.58 1.70
CA PHE C 238 32.32 -9.29 0.73
C PHE C 238 32.76 -9.63 -0.69
N ARG C 239 31.81 -9.94 -1.56
CA ARG C 239 32.07 -10.09 -2.99
C ARG C 239 30.81 -9.85 -3.80
N ASN C 240 30.98 -9.73 -5.11
CA ASN C 240 29.87 -9.62 -6.06
C ASN C 240 28.79 -8.62 -5.63
N ILE C 241 29.16 -7.34 -5.61
CA ILE C 241 28.23 -6.30 -5.26
C ILE C 241 27.86 -5.51 -6.52
N TRP C 242 26.57 -5.47 -6.83
CA TRP C 242 26.09 -4.60 -7.90
C TRP C 242 24.76 -3.97 -7.54
N ILE C 243 24.45 -2.89 -8.24
CA ILE C 243 23.25 -2.12 -7.96
C ILE C 243 22.71 -1.62 -9.29
N ARG C 244 21.39 -1.65 -9.45
CA ARG C 244 20.78 -1.03 -10.62
C ARG C 244 19.61 -0.19 -10.18
N GLU C 245 19.53 1.00 -10.76
CA GLU C 245 18.55 1.99 -10.34
C GLU C 245 17.21 1.59 -10.93
N LEU C 246 16.16 1.75 -10.13
CA LEU C 246 14.80 1.51 -10.58
C LEU C 246 14.05 2.85 -10.71
N GLU D 8 35.08 6.13 28.83
CA GLU D 8 33.67 5.92 29.14
C GLU D 8 33.48 5.71 30.65
N PHE D 9 32.33 6.16 31.17
CA PHE D 9 32.00 5.92 32.59
C PHE D 9 30.54 5.55 32.86
N PRO D 12 25.42 4.57 27.59
CA PRO D 12 24.69 5.65 26.94
C PRO D 12 23.18 5.38 26.94
N THR D 13 22.41 6.45 27.01
CA THR D 13 20.96 6.37 27.02
C THR D 13 20.37 7.41 26.06
N GLY D 14 19.12 7.19 25.66
CA GLY D 14 18.45 8.05 24.68
C GLY D 14 17.42 8.95 25.32
N TYR D 15 16.41 9.32 24.53
CA TYR D 15 15.36 10.22 24.98
C TYR D 15 14.68 9.70 26.25
N ALA D 16 14.64 10.57 27.28
CA ALA D 16 14.05 10.25 28.59
C ALA D 16 14.67 9.01 29.24
N GLY D 17 15.92 8.74 28.91
CA GLY D 17 16.68 7.68 29.56
C GLY D 17 16.50 6.29 28.98
N ILE D 18 15.88 6.18 27.81
CA ILE D 18 15.65 4.86 27.21
C ILE D 18 16.98 4.18 26.94
N THR D 19 17.04 2.87 27.20
CA THR D 19 18.26 2.07 27.06
C THR D 19 18.13 1.13 25.87
N HIS D 20 19.28 0.66 25.37
CA HIS D 20 19.27 -0.18 24.17
C HIS D 20 18.51 -1.51 24.40
N GLU D 21 18.54 -2.02 25.63
CA GLU D 21 17.85 -3.27 25.98
C GLU D 21 16.33 -3.18 25.80
N SER D 23 14.65 -2.01 23.50
CA SER D 23 14.22 -2.30 22.12
C SER D 23 14.85 -3.60 21.59
N GLU D 24 15.14 -4.54 22.49
CA GLU D 24 15.72 -5.83 22.12
C GLU D 24 14.79 -6.97 22.55
N PHE D 25 14.17 -7.63 21.58
CA PHE D 25 13.15 -8.65 21.82
C PHE D 25 13.66 -10.02 21.40
N TYR D 26 13.23 -11.06 22.10
CA TYR D 26 13.74 -12.42 21.86
C TYR D 26 12.68 -13.39 21.35
N GLU D 27 11.51 -12.85 21.00
CA GLU D 27 10.43 -13.60 20.36
C GLU D 27 9.61 -12.63 19.52
N PRO D 28 8.94 -13.12 18.48
CA PRO D 28 8.91 -14.50 18.00
C PRO D 28 10.20 -14.86 17.26
N VAL D 29 10.68 -16.08 17.48
CA VAL D 29 11.92 -16.56 16.87
C VAL D 29 11.66 -16.98 15.43
N PRO D 30 12.36 -16.37 14.47
CA PRO D 30 12.21 -16.84 13.08
C PRO D 30 12.68 -18.28 12.90
N PRO D 31 11.93 -19.08 12.11
CA PRO D 31 12.31 -20.48 11.93
C PRO D 31 13.65 -20.62 11.19
N VAL D 32 14.42 -21.61 11.59
CA VAL D 32 15.68 -21.92 10.92
C VAL D 32 15.41 -22.71 9.66
N VAL D 33 15.89 -22.17 8.54
CA VAL D 33 15.75 -22.81 7.24
C VAL D 33 17.15 -23.07 6.68
N THR D 34 17.39 -24.29 6.22
CA THR D 34 18.61 -24.60 5.49
C THR D 34 18.36 -24.26 4.03
N PRO D 35 19.02 -23.22 3.51
CA PRO D 35 18.78 -22.85 2.12
C PRO D 35 19.33 -23.87 1.15
N GLY D 36 18.86 -23.85 -0.10
CA GLY D 36 19.39 -24.69 -1.16
C GLY D 36 20.73 -24.18 -1.67
N THR D 37 21.22 -24.80 -2.73
CA THR D 37 22.49 -24.42 -3.35
C THR D 37 22.22 -23.79 -4.72
N ASP D 38 23.29 -23.35 -5.38
CA ASP D 38 23.18 -22.75 -6.70
C ASP D 38 23.26 -23.83 -7.77
N LEU D 39 22.30 -23.81 -8.68
CA LEU D 39 22.26 -24.72 -9.81
C LEU D 39 22.99 -24.07 -10.98
N GLY D 41 24.09 -22.53 -14.23
CA GLY D 41 23.26 -21.94 -15.27
C GLY D 41 21.87 -21.50 -14.81
N GLY D 42 21.59 -21.64 -13.51
CA GLY D 42 20.27 -21.34 -12.97
C GLY D 42 20.36 -20.50 -11.70
N GLY D 43 19.48 -20.81 -10.75
CA GLY D 43 19.42 -20.10 -9.47
C GLY D 43 19.41 -21.05 -8.29
N PHE D 44 18.74 -20.65 -7.23
CA PHE D 44 18.72 -21.42 -6.00
C PHE D 44 17.84 -22.66 -6.10
N THR D 45 18.33 -23.78 -5.58
CA THR D 45 17.51 -24.98 -5.39
C THR D 45 16.66 -24.80 -4.13
N ALA D 46 15.82 -25.79 -3.84
CA ALA D 46 14.81 -25.64 -2.79
C ALA D 46 15.41 -25.55 -1.39
N PRO D 47 14.97 -24.57 -0.59
CA PRO D 47 15.32 -24.56 0.83
C PRO D 47 14.56 -25.65 1.58
N SER D 48 14.99 -25.92 2.81
CA SER D 48 14.53 -27.10 3.57
C SER D 48 13.03 -27.09 3.88
N ASP D 49 12.42 -25.90 3.97
CA ASP D 49 10.99 -25.79 4.25
C ASP D 49 10.13 -25.64 3.00
N ALA D 50 10.73 -25.74 1.83
CA ALA D 50 9.99 -25.57 0.57
C ALA D 50 9.36 -26.89 0.14
N ILE D 51 8.24 -26.78 -0.56
CA ILE D 51 7.66 -27.92 -1.27
C ILE D 51 8.36 -28.05 -2.62
N VAL D 52 8.96 -29.21 -2.89
CA VAL D 52 9.64 -29.44 -4.15
C VAL D 52 8.62 -29.88 -5.20
N LEU D 53 8.31 -29.01 -6.16
CA LEU D 53 7.34 -29.33 -7.20
C LEU D 53 7.98 -30.08 -8.36
N PHE D 54 9.26 -29.82 -8.59
CA PHE D 54 10.03 -30.61 -9.54
C PHE D 54 11.52 -30.44 -9.29
N ASP D 55 12.23 -31.55 -9.16
CA ASP D 55 13.70 -31.51 -9.11
C ASP D 55 14.34 -32.60 -9.96
N GLY D 56 13.63 -33.05 -11.00
CA GLY D 56 14.22 -33.94 -12.00
C GLY D 56 13.64 -35.34 -12.09
N ASP D 58 10.05 -36.69 -11.34
CA ASP D 58 8.72 -36.97 -11.86
C ASP D 58 7.79 -35.78 -11.65
N LEU D 59 6.56 -35.92 -12.13
CA LEU D 59 5.53 -34.90 -11.96
C LEU D 59 4.43 -35.34 -10.96
N SER D 60 4.83 -36.07 -9.93
CA SER D 60 3.87 -36.59 -8.95
C SER D 60 3.19 -35.49 -8.13
N ALA D 61 3.78 -34.29 -8.09
CA ALA D 61 3.15 -33.15 -7.43
C ALA D 61 2.12 -32.45 -8.33
N TRP D 62 1.97 -32.92 -9.57
CA TRP D 62 1.12 -32.28 -10.55
C TRP D 62 0.01 -33.19 -11.05
N GLU D 63 -0.97 -32.58 -11.70
CA GLU D 63 -2.07 -33.30 -12.33
C GLU D 63 -2.47 -32.54 -13.59
N SER D 64 -3.11 -33.24 -14.53
CA SER D 64 -3.73 -32.58 -15.67
C SER D 64 -4.89 -31.73 -15.18
N VAL D 65 -5.10 -30.57 -15.79
CA VAL D 65 -6.29 -29.78 -15.49
C VAL D 65 -7.57 -30.53 -15.89
N GLY D 67 -8.00 -33.56 -15.18
CA GLY D 67 -8.07 -34.68 -14.25
C GLY D 67 -7.09 -35.77 -14.64
N GLY D 68 -6.56 -36.47 -13.65
CA GLY D 68 -5.58 -37.54 -13.88
C GLY D 68 -4.15 -37.03 -13.89
N ALA D 69 -3.23 -37.93 -14.22
CA ALA D 69 -1.80 -37.65 -14.17
C ALA D 69 -1.38 -36.51 -15.09
N ALA D 70 -0.34 -35.79 -14.69
CA ALA D 70 0.25 -34.76 -15.54
C ALA D 70 1.12 -35.47 -16.54
N GLU D 71 0.76 -35.38 -17.82
CA GLU D 71 1.43 -36.16 -18.86
C GLU D 71 2.32 -35.30 -19.74
N TRP D 72 3.10 -34.42 -19.12
CA TRP D 72 4.21 -33.77 -19.80
C TRP D 72 5.43 -34.68 -19.66
N ASP D 73 6.43 -34.48 -20.51
CA ASP D 73 7.49 -35.47 -20.68
C ASP D 73 8.72 -35.18 -19.83
N VAL D 74 9.01 -36.10 -18.91
CA VAL D 74 10.14 -35.98 -17.97
C VAL D 74 11.33 -36.73 -18.54
N HIS D 75 12.47 -36.04 -18.65
CA HIS D 75 13.69 -36.59 -19.21
C HIS D 75 14.87 -35.73 -18.87
N ASP D 76 16.03 -36.34 -18.67
CA ASP D 76 17.28 -35.61 -18.49
C ASP D 76 17.23 -34.53 -17.41
N GLY D 77 16.45 -34.78 -16.35
CA GLY D 77 16.33 -33.84 -15.25
C GLY D 77 15.46 -32.62 -15.53
N VAL D 78 14.75 -32.62 -16.66
CA VAL D 78 13.81 -31.54 -16.99
C VAL D 78 12.46 -32.15 -17.34
N PHE D 79 11.43 -31.32 -17.48
CA PHE D 79 10.22 -31.79 -18.13
C PHE D 79 9.79 -30.82 -19.24
N THR D 80 9.19 -31.38 -20.28
CA THR D 80 8.93 -30.67 -21.51
C THR D 80 7.43 -30.69 -21.78
N VAL D 81 6.90 -29.53 -22.17
CA VAL D 81 5.49 -29.38 -22.48
C VAL D 81 5.09 -30.34 -23.60
N ASN D 82 3.97 -31.05 -23.42
CA ASN D 82 3.34 -31.79 -24.49
C ASN D 82 2.02 -31.09 -24.81
N LYS D 83 2.01 -30.35 -25.91
CA LYS D 83 0.86 -29.51 -26.24
C LYS D 83 -0.41 -30.30 -26.55
N GLY D 86 -2.35 -30.61 -22.96
CA GLY D 86 -2.96 -29.44 -22.31
C GLY D 86 -2.25 -29.04 -21.02
N ASP D 87 -2.87 -28.11 -20.28
CA ASP D 87 -2.26 -27.52 -19.08
C ASP D 87 -2.12 -28.55 -17.96
N ILE D 88 -1.10 -28.37 -17.13
CA ILE D 88 -0.96 -29.13 -15.90
C ILE D 88 -0.95 -28.17 -14.72
N GLN D 89 -1.30 -28.67 -13.54
CA GLN D 89 -1.37 -27.83 -12.35
C GLN D 89 -0.94 -28.60 -11.12
N THR D 90 -0.54 -27.86 -10.08
CA THR D 90 -0.16 -28.48 -8.81
C THR D 90 -1.38 -29.12 -8.17
N GLN D 92 -1.60 -29.42 -5.05
CA GLN D 92 -1.80 -28.58 -3.88
C GLN D 92 -2.21 -27.16 -4.28
N PHE D 94 -2.62 -22.96 -3.05
CA PHE D 94 -1.79 -22.00 -2.33
C PHE D 94 -2.45 -20.64 -2.18
N ASN D 95 -2.00 -19.89 -1.19
CA ASN D 95 -2.41 -18.50 -0.98
C ASN D 95 -1.24 -17.55 -1.16
N ASP D 96 -0.55 -17.18 -0.08
CA ASP D 96 0.67 -16.39 -0.18
C ASP D 96 1.84 -17.34 -0.34
N PHE D 97 2.77 -17.01 -1.23
CA PHE D 97 3.92 -17.87 -1.44
C PHE D 97 5.08 -17.19 -2.14
N GLN D 98 6.24 -17.82 -1.99
CA GLN D 98 7.41 -17.54 -2.77
C GLN D 98 7.66 -18.75 -3.64
N HIS D 100 9.98 -20.57 -7.12
CA HIS D 100 11.13 -20.60 -8.02
C HIS D 100 10.80 -21.52 -9.20
N ILE D 101 11.16 -21.09 -10.41
CA ILE D 101 10.92 -21.90 -11.61
C ILE D 101 11.87 -21.48 -12.73
N GLU D 102 12.47 -22.47 -13.39
CA GLU D 102 13.43 -22.23 -14.45
C GLU D 102 12.90 -22.85 -15.74
N TRP D 103 13.10 -22.15 -16.85
CA TRP D 103 12.56 -22.59 -18.13
C TRP D 103 13.51 -22.30 -19.30
N GLN D 104 13.48 -23.20 -20.27
CA GLN D 104 14.41 -23.19 -21.39
C GLN D 104 13.66 -23.19 -22.70
N VAL D 105 13.94 -22.17 -23.52
CA VAL D 105 13.48 -22.17 -24.91
C VAL D 105 14.46 -23.04 -25.70
N PRO D 106 13.94 -24.02 -26.46
CA PRO D 106 14.85 -24.94 -27.15
C PRO D 106 15.64 -24.24 -28.26
N THR D 107 16.83 -24.72 -28.55
CA THR D 107 17.71 -24.08 -29.53
C THR D 107 17.12 -24.06 -30.95
N ASN D 108 16.24 -25.02 -31.24
CA ASN D 108 15.58 -25.08 -32.54
C ASN D 108 14.20 -24.38 -32.58
N ILE D 109 13.95 -23.48 -31.63
CA ILE D 109 12.69 -22.73 -31.56
C ILE D 109 12.38 -22.01 -32.86
N THR D 110 11.10 -21.97 -33.21
CA THR D 110 10.61 -21.18 -34.32
C THR D 110 9.37 -20.42 -33.87
N GLY D 111 8.95 -19.46 -34.68
CA GLY D 111 7.73 -18.69 -34.42
C GLY D 111 7.99 -17.24 -34.12
N GLU D 112 6.92 -16.46 -34.11
CA GLU D 112 7.00 -15.01 -33.87
C GLU D 112 5.97 -14.55 -32.85
N SER D 113 6.26 -13.42 -32.23
CA SER D 113 5.36 -12.76 -31.30
C SER D 113 4.87 -13.75 -30.23
N GLN D 114 3.55 -13.85 -30.04
CA GLN D 114 2.99 -14.72 -29.01
C GLN D 114 3.07 -16.22 -29.34
N SER D 115 3.51 -16.56 -30.55
CA SER D 115 3.58 -17.97 -30.97
C SER D 115 5.01 -18.51 -30.98
N ARG D 116 5.83 -18.06 -30.03
CA ARG D 116 7.23 -18.48 -29.96
C ARG D 116 7.63 -18.78 -28.52
N GLY D 117 7.49 -20.04 -28.13
CA GLY D 117 7.82 -20.46 -26.79
C GLY D 117 6.89 -19.93 -25.72
N ASN D 118 5.60 -19.85 -26.06
CA ASN D 118 4.59 -19.34 -25.13
C ASN D 118 4.17 -20.38 -24.11
N SER D 119 4.37 -20.05 -22.84
CA SER D 119 3.76 -20.78 -21.74
C SER D 119 3.35 -19.73 -20.72
N GLY D 120 3.28 -20.11 -19.45
CA GLY D 120 2.92 -19.14 -18.42
C GLY D 120 2.66 -19.80 -17.08
N ILE D 121 2.78 -19.02 -16.02
CA ILE D 121 2.53 -19.46 -14.68
C ILE D 121 1.29 -18.74 -14.17
N PHE D 122 0.18 -19.46 -14.03
CA PHE D 122 -1.06 -18.88 -13.50
C PHE D 122 -1.08 -18.99 -11.98
N LEU D 123 -0.92 -17.84 -11.32
CA LEU D 123 -0.84 -17.76 -9.87
C LEU D 123 -2.23 -17.96 -9.29
N GLN D 124 -2.35 -18.94 -8.40
CA GLN D 124 -3.65 -19.43 -7.90
C GLN D 124 -4.62 -19.81 -9.03
N GLY D 125 -4.06 -20.13 -10.20
CA GLY D 125 -4.87 -20.51 -11.36
C GLY D 125 -5.58 -19.36 -12.04
N TYR D 127 -4.00 -15.75 -12.44
CA TYR D 127 -3.21 -14.58 -12.85
C TYR D 127 -1.90 -15.01 -13.54
N GLU D 128 -1.84 -14.85 -14.87
CA GLU D 128 -0.70 -15.35 -15.64
C GLU D 128 0.52 -14.45 -15.56
N VAL D 129 1.64 -15.02 -15.12
CA VAL D 129 2.95 -14.46 -15.37
C VAL D 129 3.43 -15.06 -16.69
N GLN D 130 3.55 -14.22 -17.71
CA GLN D 130 3.83 -14.69 -19.06
C GLN D 130 5.21 -15.33 -19.18
N VAL D 131 5.25 -16.43 -19.92
CA VAL D 131 6.49 -17.06 -20.35
C VAL D 131 6.48 -17.04 -21.88
N LEU D 132 7.57 -16.58 -22.46
CA LEU D 132 7.67 -16.41 -23.90
C LEU D 132 9.12 -16.21 -24.29
N ASP D 133 9.48 -16.64 -25.49
CA ASP D 133 10.82 -16.34 -26.01
C ASP D 133 10.83 -14.94 -26.59
N CYS D 134 11.31 -13.98 -25.81
CA CYS D 134 11.44 -12.60 -26.27
C CYS D 134 12.91 -12.22 -26.54
N TYR D 135 13.74 -13.24 -26.78
CA TYR D 135 15.11 -12.99 -27.23
C TYR D 135 15.06 -12.71 -28.73
N ASN D 136 15.23 -11.45 -29.09
CA ASN D 136 15.09 -10.99 -30.49
C ASN D 136 13.76 -11.42 -31.10
N ASN D 137 12.68 -11.22 -30.34
CA ASN D 137 11.33 -11.50 -30.82
C ASN D 137 10.36 -10.46 -30.27
N PRO D 138 10.08 -9.40 -31.04
CA PRO D 138 9.15 -8.39 -30.55
C PRO D 138 7.71 -8.91 -30.47
N THR D 139 6.94 -8.35 -29.56
CA THR D 139 5.53 -8.65 -29.42
C THR D 139 4.88 -7.48 -28.72
N TYR D 140 3.59 -7.59 -28.40
CA TYR D 140 2.94 -6.50 -27.63
C TYR D 140 3.50 -6.50 -26.22
N VAL D 141 3.88 -5.32 -25.76
CA VAL D 141 4.75 -5.20 -24.57
C VAL D 141 4.02 -5.57 -23.28
N ASN D 142 2.72 -5.34 -23.24
CA ASN D 142 1.92 -5.73 -22.07
C ASN D 142 1.65 -7.24 -22.03
N GLY D 143 2.10 -7.97 -23.05
CA GLY D 143 1.99 -9.43 -23.06
C GLY D 143 3.30 -10.15 -23.30
N GLN D 144 4.42 -9.46 -23.13
CA GLN D 144 5.73 -10.09 -23.35
C GLN D 144 6.20 -10.80 -22.07
N THR D 145 7.38 -11.40 -22.14
CA THR D 145 7.92 -12.21 -21.04
C THR D 145 7.93 -11.45 -19.71
N GLY D 146 7.41 -12.09 -18.67
CA GLY D 146 7.40 -11.49 -17.34
C GLY D 146 6.30 -10.48 -17.09
N SER D 147 5.45 -10.24 -18.09
CA SER D 147 4.29 -9.40 -17.91
C SER D 147 3.32 -10.11 -17.00
N ILE D 148 2.51 -9.35 -16.27
CA ILE D 148 1.26 -9.86 -15.76
C ILE D 148 0.34 -9.67 -16.95
N TYR D 149 -0.02 -10.79 -17.57
CA TYR D 149 -0.46 -10.80 -18.97
C TYR D 149 -1.55 -9.76 -19.29
N LYS D 150 -1.18 -8.83 -20.16
CA LYS D 150 -2.04 -7.74 -20.66
C LYS D 150 -2.50 -6.74 -19.59
N GLN D 151 -1.81 -6.69 -18.46
CA GLN D 151 -2.11 -5.72 -17.40
C GLN D 151 -0.90 -4.83 -17.09
N SER D 152 0.24 -5.47 -16.83
CA SER D 152 1.43 -4.78 -16.35
CA SER D 152 1.44 -4.80 -16.34
C SER D 152 2.65 -5.14 -17.18
N ILE D 153 3.20 -4.12 -17.86
CA ILE D 153 4.37 -4.27 -18.70
C ILE D 153 5.57 -4.52 -17.80
N PRO D 154 6.42 -5.50 -18.17
CA PRO D 154 7.59 -5.76 -17.33
C PRO D 154 8.60 -4.62 -17.42
N LEU D 155 9.39 -4.46 -16.35
CA LEU D 155 10.35 -3.36 -16.26
C LEU D 155 11.54 -3.53 -17.20
N ALA D 156 11.77 -4.73 -17.68
CA ALA D 156 12.87 -4.98 -18.61
C ALA D 156 12.63 -6.24 -19.42
N ASN D 157 13.45 -6.39 -20.45
CA ASN D 157 13.59 -7.64 -21.16
C ASN D 157 14.93 -8.24 -20.74
N ALA D 158 14.88 -9.27 -19.91
CA ALA D 158 16.10 -9.87 -19.33
C ALA D 158 16.29 -11.30 -19.83
N ARG D 160 17.57 -14.68 -21.53
CA ARG D 160 18.73 -15.44 -22.01
C ARG D 160 18.34 -16.15 -23.30
N PRO D 162 18.00 -18.95 -26.50
CA PRO D 162 17.55 -20.33 -26.51
C PRO D 162 18.68 -21.32 -26.19
N GLY D 163 18.35 -22.34 -25.40
CA GLY D 163 19.34 -23.30 -24.92
C GLY D 163 19.75 -23.02 -23.49
N GLU D 164 19.72 -21.75 -23.10
CA GLU D 164 20.05 -21.34 -21.74
C GLU D 164 18.79 -21.30 -20.87
N TRP D 165 18.98 -21.22 -19.56
CA TRP D 165 17.88 -21.31 -18.61
C TRP D 165 17.49 -19.95 -18.07
N ASN D 166 16.22 -19.60 -18.23
CA ASN D 166 15.68 -18.38 -17.66
C ASN D 166 15.10 -18.66 -16.29
N VAL D 167 15.57 -17.90 -15.30
CA VAL D 167 15.26 -18.15 -13.91
C VAL D 167 14.22 -17.17 -13.41
N TYR D 168 13.08 -17.68 -12.92
CA TYR D 168 12.08 -16.86 -12.27
C TYR D 168 12.12 -17.07 -10.76
N ASP D 169 12.12 -15.96 -10.02
CA ASP D 169 11.80 -15.95 -8.60
C ASP D 169 10.58 -15.04 -8.43
N ILE D 170 9.56 -15.56 -7.78
CA ILE D 170 8.26 -14.92 -7.71
C ILE D 170 7.81 -14.85 -6.25
N ILE D 171 7.40 -13.67 -5.82
CA ILE D 171 6.84 -13.46 -4.49
C ILE D 171 5.42 -12.97 -4.67
N TYR D 172 4.46 -13.67 -4.09
CA TYR D 172 3.04 -13.45 -4.33
C TYR D 172 2.25 -13.29 -3.04
N THR D 173 1.42 -12.26 -2.99
CA THR D 173 0.46 -12.05 -1.92
C THR D 173 -0.93 -12.22 -2.53
N ALA D 174 -1.71 -13.13 -1.95
CA ALA D 174 -3.06 -13.43 -2.44
C ALA D 174 -4.02 -12.29 -2.09
N PRO D 175 -5.10 -12.16 -2.88
CA PRO D 175 -6.10 -11.15 -2.57
C PRO D 175 -7.01 -11.61 -1.44
N THR D 176 -7.75 -10.67 -0.88
CA THR D 176 -8.93 -10.99 -0.06
C THR D 176 -10.16 -10.44 -0.77
N PHE D 177 -11.30 -11.07 -0.55
CA PHE D 177 -12.54 -10.68 -1.22
C PHE D 177 -13.60 -10.26 -0.22
N LYS D 178 -14.41 -9.28 -0.60
CA LYS D 178 -15.56 -8.88 0.20
C LYS D 178 -16.70 -9.87 -0.01
N GLU D 179 -17.68 -9.81 0.88
CA GLU D 179 -18.83 -10.71 0.82
C GLU D 179 -19.55 -10.63 -0.50
N ASP D 180 -19.61 -9.43 -1.09
CA ASP D 180 -20.29 -9.26 -2.38
C ASP D 180 -19.45 -9.72 -3.58
N GLY D 181 -18.27 -10.29 -3.33
CA GLY D 181 -17.46 -10.87 -4.41
C GLY D 181 -16.41 -9.94 -5.01
N SER D 182 -16.44 -8.65 -4.67
CA SER D 182 -15.44 -7.70 -5.14
C SER D 182 -14.15 -7.85 -4.34
N TYR D 183 -13.06 -7.29 -4.87
CA TYR D 183 -11.78 -7.30 -4.17
C TYR D 183 -11.83 -6.44 -2.92
N ARG D 184 -11.36 -7.01 -1.82
CA ARG D 184 -11.10 -6.24 -0.61
C ARG D 184 -9.66 -5.74 -0.66
N THR D 185 -8.73 -6.66 -0.93
CA THR D 185 -7.35 -6.32 -1.25
C THR D 185 -6.97 -7.07 -2.52
N HIS D 186 -6.28 -6.38 -3.41
CA HIS D 186 -5.85 -6.98 -4.66
C HIS D 186 -4.62 -7.84 -4.43
N PRO D 187 -4.37 -8.80 -5.33
CA PRO D 187 -3.13 -9.54 -5.21
C PRO D 187 -1.95 -8.67 -5.60
N THR D 188 -0.78 -8.95 -5.03
CA THR D 188 0.44 -8.28 -5.45
C THR D 188 1.49 -9.33 -5.77
N VAL D 189 2.42 -8.97 -6.66
CA VAL D 189 3.43 -9.90 -7.11
C VAL D 189 4.74 -9.17 -7.46
N THR D 190 5.85 -9.78 -7.05
CA THR D 190 7.17 -9.37 -7.49
C THR D 190 7.74 -10.50 -8.33
N VAL D 191 8.32 -10.16 -9.48
CA VAL D 191 8.87 -11.13 -10.41
C VAL D 191 10.29 -10.74 -10.75
N ILE D 192 11.21 -11.66 -10.58
CA ILE D 192 12.62 -11.45 -10.87
C ILE D 192 13.06 -12.48 -11.91
N GLN D 193 13.60 -12.02 -13.03
CA GLN D 193 14.07 -12.92 -14.09
C GLN D 193 15.57 -12.80 -14.28
N ASN D 194 16.27 -13.92 -14.10
CA ASN D 194 17.72 -13.95 -14.20
C ASN D 194 18.36 -12.84 -13.36
N GLY D 195 17.83 -12.66 -12.16
CA GLY D 195 18.32 -11.66 -11.21
C GLY D 195 17.83 -10.25 -11.44
N VAL D 196 17.07 -10.01 -12.52
CA VAL D 196 16.57 -8.69 -12.85
C VAL D 196 15.10 -8.56 -12.47
N VAL D 197 14.77 -7.52 -11.72
CA VAL D 197 13.37 -7.26 -11.32
C VAL D 197 12.54 -6.83 -12.52
N LEU D 198 11.48 -7.59 -12.79
CA LEU D 198 10.58 -7.32 -13.92
C LEU D 198 9.22 -6.79 -13.45
N GLN D 199 8.76 -7.25 -12.29
CA GLN D 199 7.59 -6.72 -11.62
C GLN D 199 7.97 -6.37 -10.20
N ASN D 200 7.85 -5.11 -9.84
CA ASN D 200 8.21 -4.63 -8.52
C ASN D 200 6.98 -4.36 -7.66
N HIS D 201 6.56 -5.37 -6.90
CA HIS D 201 5.36 -5.27 -6.07
C HIS D 201 4.18 -4.72 -6.87
N THR D 202 3.89 -5.40 -7.97
CA THR D 202 2.86 -4.99 -8.90
C THR D 202 1.49 -5.44 -8.41
N THR D 203 0.52 -4.53 -8.46
CA THR D 203 -0.84 -4.86 -8.11
C THR D 203 -1.52 -5.55 -9.30
N ILE D 204 -2.14 -6.70 -9.03
CA ILE D 204 -2.91 -7.42 -10.04
C ILE D 204 -4.35 -6.91 -10.02
N LEU D 205 -4.89 -6.58 -11.20
CA LEU D 205 -6.18 -5.91 -11.31
C LEU D 205 -7.35 -6.87 -11.35
N GLY D 206 -7.07 -8.13 -11.66
CA GLY D 206 -8.11 -9.15 -11.83
C GLY D 206 -7.55 -10.26 -12.68
N THR D 207 -8.40 -11.17 -13.14
CA THR D 207 -7.95 -12.24 -14.01
C THR D 207 -7.20 -11.69 -15.23
N THR D 208 -6.17 -12.40 -15.67
CA THR D 208 -5.50 -12.06 -16.91
C THR D 208 -6.35 -12.58 -18.08
N GLU D 209 -6.60 -11.70 -19.04
CA GLU D 209 -7.55 -12.01 -20.12
C GLU D 209 -6.97 -11.64 -21.49
N TRP D 210 -7.11 -12.55 -22.45
CA TRP D 210 -6.73 -12.30 -23.84
C TRP D 210 -7.67 -11.30 -24.46
N ILE D 211 -8.94 -11.35 -24.07
CA ILE D 211 -9.97 -10.45 -24.59
C ILE D 211 -10.65 -9.70 -23.45
N GLY D 212 -10.68 -8.38 -23.54
CA GLY D 212 -11.43 -7.56 -22.60
C GLY D 212 -10.69 -7.18 -21.34
N PHE D 213 -11.42 -6.54 -20.43
CA PHE D 213 -10.85 -6.04 -19.18
C PHE D 213 -10.63 -7.18 -18.20
N PRO D 214 -9.68 -7.02 -17.27
CA PRO D 214 -9.51 -8.04 -16.24
C PRO D 214 -10.81 -8.27 -15.48
N GLN D 215 -11.09 -9.51 -15.11
CA GLN D 215 -12.34 -9.83 -14.44
C GLN D 215 -12.13 -10.05 -12.95
N VAL D 216 -13.12 -9.64 -12.18
CA VAL D 216 -13.15 -9.82 -10.74
C VAL D 216 -13.97 -11.06 -10.41
N HIS D 219 -12.31 -16.07 -5.42
CA HIS D 219 -11.69 -17.38 -5.30
C HIS D 219 -10.96 -17.45 -3.97
N GLY D 220 -10.69 -18.68 -3.53
CA GLY D 220 -9.83 -18.91 -2.40
C GLY D 220 -8.46 -19.39 -2.89
N ALA D 221 -7.89 -20.34 -2.16
CA ALA D 221 -6.60 -20.92 -2.54
C ALA D 221 -6.69 -21.57 -3.91
N GLY D 222 -5.61 -21.49 -4.66
CA GLY D 222 -5.58 -22.07 -6.00
C GLY D 222 -4.24 -22.70 -6.32
N PRO D 223 -4.25 -23.63 -7.30
CA PRO D 223 -3.00 -24.26 -7.70
C PRO D 223 -2.13 -23.33 -8.56
N ILE D 224 -0.91 -23.76 -8.83
CA ILE D 224 -0.10 -23.16 -9.87
C ILE D 224 -0.41 -23.92 -11.14
N ILE D 225 -0.84 -23.20 -12.18
CA ILE D 225 -1.10 -23.83 -13.48
C ILE D 225 -0.02 -23.42 -14.48
N LEU D 226 0.56 -24.40 -15.16
CA LEU D 226 1.51 -24.16 -16.23
C LEU D 226 0.80 -24.31 -17.57
N GLN D 227 0.98 -23.31 -18.43
CA GLN D 227 0.20 -23.19 -19.65
C GLN D 227 0.78 -23.99 -20.81
N SER D 228 -0.10 -24.76 -21.46
CA SER D 228 0.17 -25.35 -22.75
C SER D 228 -0.49 -24.47 -23.81
N HIS D 229 0.30 -23.61 -24.44
CA HIS D 229 -0.21 -22.68 -25.44
C HIS D 229 -0.16 -23.36 -26.81
N GLY D 230 -1.33 -23.58 -27.41
CA GLY D 230 -1.45 -24.47 -28.57
C GLY D 230 -0.93 -24.04 -29.92
N ASP D 231 -0.05 -23.04 -29.96
CA ASP D 231 0.62 -22.66 -31.20
C ASP D 231 1.62 -23.74 -31.60
N PRO D 232 2.09 -23.73 -32.85
CA PRO D 232 2.94 -24.84 -33.31
C PRO D 232 4.42 -24.77 -32.88
N SER D 233 4.83 -23.75 -32.13
CA SER D 233 6.24 -23.64 -31.76
C SER D 233 6.71 -24.83 -30.90
N GLU D 234 7.99 -25.16 -31.07
CA GLU D 234 8.63 -26.24 -30.33
C GLU D 234 8.46 -26.02 -28.82
N PRO D 235 8.18 -27.09 -28.05
CA PRO D 235 7.79 -26.91 -26.65
C PRO D 235 8.93 -26.49 -25.75
N ILE D 236 8.64 -25.67 -24.74
CA ILE D 236 9.68 -25.28 -23.79
C ILE D 236 9.84 -26.35 -22.70
N SER D 237 10.96 -26.30 -22.01
CA SER D 237 11.24 -27.23 -20.93
C SER D 237 11.40 -26.50 -19.60
N PHE D 238 11.12 -27.21 -18.51
CA PHE D 238 11.15 -26.67 -17.16
C PHE D 238 12.07 -27.50 -16.26
N ARG D 239 12.62 -26.84 -15.24
CA ARG D 239 13.36 -27.53 -14.18
C ARG D 239 13.35 -26.72 -12.89
N ASN D 240 13.77 -27.36 -11.81
CA ASN D 240 13.99 -26.71 -10.51
C ASN D 240 12.81 -25.82 -10.10
N ILE D 241 11.68 -26.47 -9.84
CA ILE D 241 10.49 -25.76 -9.40
C ILE D 241 10.25 -26.05 -7.91
N TRP D 242 10.22 -25.00 -7.11
CA TRP D 242 9.84 -25.15 -5.71
C TRP D 242 9.00 -23.96 -5.25
N ILE D 243 8.28 -24.19 -4.15
CA ILE D 243 7.36 -23.21 -3.63
C ILE D 243 7.40 -23.30 -2.12
N ARG D 244 7.38 -22.15 -1.46
CA ARG D 244 7.24 -22.14 -0.01
C ARG D 244 6.17 -21.14 0.39
N GLU D 245 5.34 -21.56 1.32
CA GLU D 245 4.19 -20.78 1.71
C GLU D 245 4.66 -19.66 2.62
N LEU D 246 4.09 -18.48 2.43
CA LEU D 246 4.36 -17.33 3.28
C LEU D 246 3.14 -17.04 4.16
#